data_1Y9S
# 
_entry.id   1Y9S 
# 
_audit_conform.dict_name       mmcif_pdbx.dic 
_audit_conform.dict_version    5.376 
_audit_conform.dict_location   http://mmcif.pdb.org/dictionaries/ascii/mmcif_pdbx.dic 
# 
loop_
_database_2.database_id 
_database_2.database_code 
_database_2.pdbx_database_accession 
_database_2.pdbx_DOI 
PDB   1Y9S         pdb_00001y9s 10.2210/pdb1y9s/pdb 
NDB   AD0040       ?            ?                   
RCSB  RCSB031295   ?            ?                   
WWPDB D_1000031295 ?            ?                   
# 
loop_
_pdbx_database_related.db_name 
_pdbx_database_related.db_id 
_pdbx_database_related.details 
_pdbx_database_related.content_type 
PDB 1Y7F 
;Crystal structure of the A-DNA GCGTAT*CGC with a 2'-O-[2-[hydroxy(methyleneamino)oxy]ethyl] Thymidine (T*)
;
unspecified 
PDB 1Y84 
;Crystal structure of the A-DNA GCGTAT*CGC with a 2'-O-[2-(imidazolyl)ethyl] Thymidine (T*)
;
unspecified 
PDB 1Y86 
;Crystal structure of the A-DNA GCGTAT*CGC with a 2'-O-[2-(fluoro)ethyl] Thymidine (T*)
;
unspecified 
PDB 1Y8L 
;Crystal structure of the A-DNA GCGTAT*CGC with a 2'-O-[2-(trifluoro)ethyl] Thymidine (T*)
;
unspecified 
PDB 1Y8V 
;Crystal structure of the A-DNA GCGTAT*CGC with a 2'-O-propyl Thymidine (T*)
;
unspecified 
PDB 1Y9S 
;Crystal structure of the A-DNA GCGTAT*CGC with a 2'-O-propargyl Thymidine (T*)
;
unspecified 
PDB 1WV5 
;X-RAY STRUCTURE OF THE A-DECAMER GCGTATACGC WITH A SINGLE 2'-O-BUTYL  THYMINE IN PLACE OF T6, MG-FORM
;
unspecified 
PDB 1WV6 
;X-RAY STRUCTURE OF THE A-DECAMER GCGTATACGC WITH A SINGLE 2'-O-BUTYL  THYMINE IN PLACE OF T6, SR-FORM
;
unspecified 
PDB 1Y9F 
;Crystal structure of the A-DNA GCGTAT*CGC with a 2'-O-allyl Thymidine (T*)
;
unspecified 
PDB 1YB9 
;Crystal structure of the A-DNA GCGTAT*CGC with a 2'-O-[2-(N,N-dimethylaminooxy)ethyl] Thymidine (T*)
;
unspecified 
PDB 1YBC 
;Crystal structure of the A-DNA GCGTAT*CGC with a 2'-O-[2-(benzyloxy)ethyl] Thymidine (T*)
;
unspecified 
# 
_pdbx_database_status.status_code                     REL 
_pdbx_database_status.entry_id                        1Y9S 
_pdbx_database_status.recvd_initial_deposition_date   2004-12-16 
_pdbx_database_status.deposit_site                    RCSB 
_pdbx_database_status.process_site                    RCSB 
_pdbx_database_status.status_code_sf                  REL 
_pdbx_database_status.status_code_mr                  ? 
_pdbx_database_status.SG_entry                        ? 
_pdbx_database_status.pdb_format_compatible           Y 
_pdbx_database_status.status_code_cs                  ? 
_pdbx_database_status.status_code_nmr_data            ? 
_pdbx_database_status.methods_development_category    ? 
# 
loop_
_audit_author.name 
_audit_author.pdbx_ordinal 
'Egli, M.'      1  
'Minasov, G.'   2  
'Tereshko, V.'  3  
'Pallan, P.S.'  4  
'Teplova, M.'   5  
'Inamati, G.B.' 6  
'Lesnik, E.A.'  7  
'Owens, S.R.'   8  
'Ross, B.S.'    9  
'Prakash, T.P.' 10 
'Manoharan, M.' 11 
# 
_citation.id                        primary 
_citation.title                     
;Probing the Influence of Stereoelectronic Effects on the Biophysical Properties of Oligonucleotides: Comprehensive Analysis of the RNA Affinity, Nuclease Resistance, and Crystal Structure of Ten 2'-O-Ribonucleic Acid Modifications.
;
_citation.journal_abbrev            Biochemistry 
_citation.journal_volume            44 
_citation.page_first                9045 
_citation.page_last                 9057 
_citation.year                      2005 
_citation.journal_id_ASTM           BICHAW 
_citation.country                   US 
_citation.journal_id_ISSN           0006-2960 
_citation.journal_id_CSD            0033 
_citation.book_publisher            ? 
_citation.pdbx_database_id_PubMed   15966728 
_citation.pdbx_database_id_DOI      10.1021/bi050574m 
# 
loop_
_citation_author.citation_id 
_citation_author.name 
_citation_author.ordinal 
_citation_author.identifier_ORCID 
primary 'Egli, M.'      1  ? 
primary 'Minasov, G.'   2  ? 
primary 'Tereshko, V.'  3  ? 
primary 'Pallan, P.S.'  4  ? 
primary 'Teplova, M.'   5  ? 
primary 'Inamati, G.B.' 6  ? 
primary 'Lesnik, E.A.'  7  ? 
primary 'Owens, S.R.'   8  ? 
primary 'Ross, B.S.'    9  ? 
primary 'Prakash, T.P.' 10 ? 
primary 'Manoharan, M.' 11 ? 
# 
_cell.entry_id           1Y9S 
_cell.length_a           24.831 
_cell.length_b           44.983 
_cell.length_c           45.409 
_cell.angle_alpha        90.00 
_cell.angle_beta         90.00 
_cell.angle_gamma        90.00 
_cell.Z_PDB              8 
_cell.pdbx_unique_axis   ? 
# 
_symmetry.entry_id                         1Y9S 
_symmetry.space_group_name_H-M             'P 21 21 21' 
_symmetry.pdbx_full_space_group_name_H-M   ? 
_symmetry.cell_setting                     ? 
_symmetry.Int_Tables_number                19 
_symmetry.space_group_name_Hall            ? 
# 
loop_
_entity.id 
_entity.type 
_entity.src_method 
_entity.pdbx_description 
_entity.formula_weight 
_entity.pdbx_number_of_molecules 
_entity.pdbx_ec 
_entity.pdbx_mutation 
_entity.pdbx_fragment 
_entity.details 
1 polymer syn "5'-D(*GP*CP*GP*TP*AP*(2GT)P*AP*CP*GP*C)-3')" 3099.053 2   ? ? ? ? 
2 water   nat water                                         18.015   119 ? ? ? ? 
# 
_entity_poly.entity_id                      1 
_entity_poly.type                           polydeoxyribonucleotide 
_entity_poly.nstd_linkage                   no 
_entity_poly.nstd_monomer                   yes 
_entity_poly.pdbx_seq_one_letter_code       '(DG)(DC)(DG)(DT)(DA)(2GT)(DA)(DC)(DG)(DC)' 
_entity_poly.pdbx_seq_one_letter_code_can   GCGTATACGC 
_entity_poly.pdbx_strand_id                 A,B 
_entity_poly.pdbx_target_identifier         ? 
# 
loop_
_entity_poly_seq.entity_id 
_entity_poly_seq.num 
_entity_poly_seq.mon_id 
_entity_poly_seq.hetero 
1 1  DG  n 
1 2  DC  n 
1 3  DG  n 
1 4  DT  n 
1 5  DA  n 
1 6  2GT n 
1 7  DA  n 
1 8  DC  n 
1 9  DG  n 
1 10 DC  n 
# 
_struct_ref.id                         1 
_struct_ref.entity_id                  1 
_struct_ref.db_name                    PDB 
_struct_ref.db_code                    1Y9S 
_struct_ref.pdbx_db_accession          1Y9S 
_struct_ref.pdbx_db_isoform            ? 
_struct_ref.pdbx_seq_one_letter_code   ? 
_struct_ref.pdbx_align_begin           ? 
# 
loop_
_struct_ref_seq.align_id 
_struct_ref_seq.ref_id 
_struct_ref_seq.pdbx_PDB_id_code 
_struct_ref_seq.pdbx_strand_id 
_struct_ref_seq.seq_align_beg 
_struct_ref_seq.pdbx_seq_align_beg_ins_code 
_struct_ref_seq.seq_align_end 
_struct_ref_seq.pdbx_seq_align_end_ins_code 
_struct_ref_seq.pdbx_db_accession 
_struct_ref_seq.db_align_beg 
_struct_ref_seq.pdbx_db_align_beg_ins_code 
_struct_ref_seq.db_align_end 
_struct_ref_seq.pdbx_db_align_end_ins_code 
_struct_ref_seq.pdbx_auth_seq_align_beg 
_struct_ref_seq.pdbx_auth_seq_align_end 
1 1 1Y9S A 1 ? 10 ? 1Y9S 1  ? 10 ? 1  10 
2 1 1Y9S B 1 ? 10 ? 1Y9S 11 ? 20 ? 11 20 
# 
loop_
_chem_comp.id 
_chem_comp.type 
_chem_comp.mon_nstd_flag 
_chem_comp.name 
_chem_comp.pdbx_synonyms 
_chem_comp.formula 
_chem_comp.formula_weight 
2GT 'RNA linking' n 
;2'-O-PROPARGYL THYMIDINE-5'-MONOPHOSPHATE
;
? 'C13 H17 N2 O9 P' 376.256 
DA  'DNA linking' y "2'-DEOXYADENOSINE-5'-MONOPHOSPHATE"        ? 'C10 H14 N5 O6 P' 331.222 
DC  'DNA linking' y "2'-DEOXYCYTIDINE-5'-MONOPHOSPHATE"         ? 'C9 H14 N3 O7 P'  307.197 
DG  'DNA linking' y "2'-DEOXYGUANOSINE-5'-MONOPHOSPHATE"        ? 'C10 H14 N5 O7 P' 347.221 
DT  'DNA linking' y "THYMIDINE-5'-MONOPHOSPHATE"                ? 'C10 H15 N2 O8 P' 322.208 
HOH non-polymer   . WATER                                       ? 'H2 O'            18.015  
# 
_exptl.entry_id          1Y9S 
_exptl.method            'X-RAY DIFFRACTION' 
_exptl.crystals_number   1 
# 
_exptl_crystal.id                    1 
_exptl_crystal.density_meas          ? 
_exptl_crystal.density_Matthews      2.05 
_exptl_crystal.density_percent_sol   39.88 
_exptl_crystal.description           ? 
_exptl_crystal.F_000                 ? 
_exptl_crystal.preparation           ? 
# 
_exptl_crystal_grow.crystal_id      1 
_exptl_crystal_grow.method          'VAPOR DIFFUSION, HANGING DROP' 
_exptl_crystal_grow.temp            295 
_exptl_crystal_grow.temp_details    ? 
_exptl_crystal_grow.pH              6.0 
_exptl_crystal_grow.pdbx_details    
'10%MPD, 40mM Na-Cacodilate, 12 mM Spermine, 80mM KCL, pH 6.0, VAPOR DIFFUSION, HANGING DROP, temperature 295K' 
_exptl_crystal_grow.pdbx_pH_range   . 
# 
loop_
_exptl_crystal_grow_comp.crystal_id 
_exptl_crystal_grow_comp.id 
_exptl_crystal_grow_comp.sol_id 
_exptl_crystal_grow_comp.name 
_exptl_crystal_grow_comp.volume 
_exptl_crystal_grow_comp.conc 
_exptl_crystal_grow_comp.details 
1 1 1 MPD           ? ? ? 
1 2 1 Na-Cacodilate ? ? ? 
1 3 1 Spermine      ? ? ? 
1 4 1 KCL           ? ? ? 
1 5 1 H2O           ? ? ? 
1 6 2 MPD           ? ? ? 
1 7 2 Na-Cacodilate ? ? ? 
1 8 2 KCL           ? ? ? 
# 
_diffrn.id                     1 
_diffrn.ambient_temp           110 
_diffrn.ambient_temp_details   ? 
_diffrn.crystal_id             1 
# 
_diffrn_detector.diffrn_id              1 
_diffrn_detector.detector               'IMAGE PLATE' 
_diffrn_detector.type                   'RIGAKU RAXIS IIC' 
_diffrn_detector.pdbx_collection_date   1998-08-24 
_diffrn_detector.details                Mirrors 
# 
_diffrn_radiation.diffrn_id                        1 
_diffrn_radiation.wavelength_id                    1 
_diffrn_radiation.pdbx_monochromatic_or_laue_m_l   M 
_diffrn_radiation.monochromator                    No 
_diffrn_radiation.pdbx_diffrn_protocol             'SINGLE WAVELENGTH' 
_diffrn_radiation.pdbx_scattering_type             x-ray 
# 
_diffrn_radiation_wavelength.id           1 
_diffrn_radiation_wavelength.wavelength   1.5418 
_diffrn_radiation_wavelength.wt           1.0 
# 
_diffrn_source.diffrn_id                   1 
_diffrn_source.source                      'ROTATING ANODE' 
_diffrn_source.type                        'RIGAKU RU200' 
_diffrn_source.pdbx_synchrotron_site       ? 
_diffrn_source.pdbx_synchrotron_beamline   ? 
_diffrn_source.pdbx_wavelength             1.5418 
_diffrn_source.pdbx_wavelength_list        ? 
# 
_reflns.entry_id                     1Y9S 
_reflns.observed_criterion_sigma_F   ? 
_reflns.observed_criterion_sigma_I   -3.0 
_reflns.d_resolution_high            1.55 
_reflns.d_resolution_low             40.0 
_reflns.number_all                   7408 
_reflns.number_obs                   7408 
_reflns.percent_possible_obs         94.9 
_reflns.pdbx_Rmerge_I_obs            0.062 
_reflns.pdbx_Rsym_value              ? 
_reflns.pdbx_netI_over_sigmaI        23.9 
_reflns.B_iso_Wilson_estimate        ? 
_reflns.pdbx_redundancy              5.8 
_reflns.R_free_details               ? 
_reflns.pdbx_chi_squared             ? 
_reflns.pdbx_scaling_rejects         ? 
_reflns.pdbx_diffrn_id               1 
_reflns.pdbx_ordinal                 1 
# 
_reflns_shell.d_res_high             1.55 
_reflns_shell.d_res_low              1.61 
_reflns_shell.percent_possible_all   83.0 
_reflns_shell.Rmerge_I_obs           0.265 
_reflns_shell.pdbx_Rsym_value        ? 
_reflns_shell.meanI_over_sigI_obs    4.0 
_reflns_shell.pdbx_redundancy        3.0 
_reflns_shell.percent_possible_obs   ? 
_reflns_shell.number_unique_all      626 
_reflns_shell.number_measured_all    ? 
_reflns_shell.number_measured_obs    ? 
_reflns_shell.number_unique_obs      ? 
_reflns_shell.pdbx_chi_squared       ? 
_reflns_shell.pdbx_diffrn_id         ? 
_reflns_shell.pdbx_ordinal           1 
# 
_refine.entry_id                                 1Y9S 
_refine.ls_d_res_high                            1.55 
_refine.ls_d_res_low                             20.0 
_refine.pdbx_ls_sigma_F                          0.0 
_refine.pdbx_ls_sigma_I                          ? 
_refine.ls_number_reflns_all                     7257 
_refine.ls_number_reflns_obs                     7257 
_refine.ls_number_reflns_R_free                  761 
_refine.ls_percent_reflns_obs                    93.0 
_refine.ls_R_factor_all                          ? 
_refine.ls_R_factor_obs                          ? 
_refine.ls_R_factor_R_work                       0.1626 
_refine.ls_R_factor_R_free                       0.2049 
_refine.ls_redundancy_reflns_obs                 ? 
_refine.pdbx_data_cutoff_high_absF               ? 
_refine.pdbx_data_cutoff_low_absF                ? 
_refine.ls_number_parameters                     ? 
_refine.ls_number_restraints                     ? 
_refine.ls_percent_reflns_R_free                 ? 
_refine.ls_R_factor_R_free_error                 ? 
_refine.ls_R_factor_R_free_error_details         ? 
_refine.pdbx_method_to_determine_struct          'MOLECULAR REPLACEMENT' 
_refine.pdbx_starting_model                      'pdb entry 410D' 
_refine.pdbx_ls_cross_valid_method               THROUGHOUT 
_refine.pdbx_R_Free_selection_details            Random 
_refine.pdbx_stereochem_target_val_spec_case     ? 
_refine.pdbx_stereochemistry_target_values       ? 
_refine.solvent_model_details                    ? 
_refine.solvent_model_param_bsol                 ? 
_refine.solvent_model_param_ksol                 ? 
_refine.occupancy_max                            ? 
_refine.occupancy_min                            ? 
_refine.pdbx_isotropic_thermal_model             Isotropic 
_refine.B_iso_mean                               22.6 
_refine.aniso_B[1][1]                            2.712 
_refine.aniso_B[1][2]                            0.000 
_refine.aniso_B[1][3]                            0.000 
_refine.aniso_B[2][2]                            -5.760 
_refine.aniso_B[2][3]                            0.000 
_refine.aniso_B[3][3]                            3.048 
_refine.details                                  'Conjugate gradient refinement using maximum likelihood target for amplitudes' 
_refine.correlation_coeff_Fo_to_Fc               ? 
_refine.correlation_coeff_Fo_to_Fc_free          ? 
_refine.pdbx_solvent_vdw_probe_radii             ? 
_refine.pdbx_solvent_ion_probe_radii             ? 
_refine.pdbx_solvent_shrinkage_radii             ? 
_refine.overall_SU_R_Cruickshank_DPI             ? 
_refine.overall_SU_R_free                        ? 
_refine.overall_SU_B                             ? 
_refine.overall_SU_ML                            ? 
_refine.pdbx_overall_ESU_R                       ? 
_refine.pdbx_overall_ESU_R_Free                  ? 
_refine.pdbx_data_cutoff_high_rms_absF           ? 
_refine.ls_wR_factor_R_free                      ? 
_refine.ls_wR_factor_R_work                      ? 
_refine.overall_FOM_free_R_set                   ? 
_refine.overall_FOM_work_R_set                   ? 
_refine.pdbx_refine_id                           'X-RAY DIFFRACTION' 
_refine.pdbx_diffrn_id                           1 
_refine.pdbx_TLS_residual_ADP_flag               ? 
_refine.pdbx_overall_phase_error                 ? 
_refine.pdbx_overall_SU_R_free_Cruickshank_DPI   ? 
_refine.pdbx_overall_SU_R_Blow_DPI               ? 
_refine.pdbx_overall_SU_R_free_Blow_DPI          ? 
# 
_refine_hist.pdbx_refine_id                   'X-RAY DIFFRACTION' 
_refine_hist.cycle_id                         LAST 
_refine_hist.pdbx_number_atoms_protein        0 
_refine_hist.pdbx_number_atoms_nucleic_acid   412 
_refine_hist.pdbx_number_atoms_ligand         0 
_refine_hist.number_atoms_solvent             125 
_refine_hist.number_atoms_total               537 
_refine_hist.d_res_high                       1.55 
_refine_hist.d_res_low                        20.0 
# 
loop_
_refine_ls_restr.type 
_refine_ls_restr.dev_ideal 
_refine_ls_restr.dev_ideal_target 
_refine_ls_restr.weight 
_refine_ls_restr.number 
_refine_ls_restr.pdbx_refine_id 
_refine_ls_restr.pdbx_restraint_function 
c_bond_d    0.009 ? ? ? 'X-RAY DIFFRACTION' ? 
c_angle_deg 1.29  ? ? ? 'X-RAY DIFFRACTION' ? 
# 
_refine_ls_shell.pdbx_total_number_of_bins_used   ? 
_refine_ls_shell.d_res_high                       1.55 
_refine_ls_shell.d_res_low                        1.59 
_refine_ls_shell.number_reflns_R_work             ? 
_refine_ls_shell.R_factor_R_work                  0.2715 
_refine_ls_shell.percent_reflns_obs               51.6 
_refine_ls_shell.R_factor_R_free                  0.3245 
_refine_ls_shell.R_factor_R_free_error            ? 
_refine_ls_shell.percent_reflns_R_free            ? 
_refine_ls_shell.number_reflns_R_free             35 
_refine_ls_shell.redundancy_reflns_obs            ? 
_refine_ls_shell.pdbx_refine_id                   'X-RAY DIFFRACTION' 
_refine_ls_shell.number_reflns_all                ? 
_refine_ls_shell.R_factor_all                     ? 
# 
_struct.entry_id                  1Y9S 
_struct.title                     
;Crystal structure of the A-DNA GCGTAT*CGC with a 2'-O-propargyl Thymidine (T*)
;
_struct.pdbx_model_details        ? 
_struct.pdbx_CASP_flag            ? 
_struct.pdbx_model_type_details   ? 
# 
_struct_keywords.entry_id        1Y9S 
_struct_keywords.pdbx_keywords   DNA 
_struct_keywords.text            
;A-DNA decamer, O2'-modification, DNA
;
# 
loop_
_struct_asym.id 
_struct_asym.pdbx_blank_PDB_chainid_flag 
_struct_asym.pdbx_modified 
_struct_asym.entity_id 
_struct_asym.details 
A N N 1 ? 
B N N 1 ? 
C N N 2 ? 
D N N 2 ? 
# 
_struct_biol.id                    1 
_struct_biol.details               'Chains A and B form duplex' 
_struct_biol.pdbx_parent_biol_id   ? 
# 
loop_
_struct_conn.id 
_struct_conn.conn_type_id 
_struct_conn.pdbx_leaving_atom_flag 
_struct_conn.pdbx_PDB_id 
_struct_conn.ptnr1_label_asym_id 
_struct_conn.ptnr1_label_comp_id 
_struct_conn.ptnr1_label_seq_id 
_struct_conn.ptnr1_label_atom_id 
_struct_conn.pdbx_ptnr1_label_alt_id 
_struct_conn.pdbx_ptnr1_PDB_ins_code 
_struct_conn.pdbx_ptnr1_standard_comp_id 
_struct_conn.ptnr1_symmetry 
_struct_conn.ptnr2_label_asym_id 
_struct_conn.ptnr2_label_comp_id 
_struct_conn.ptnr2_label_seq_id 
_struct_conn.ptnr2_label_atom_id 
_struct_conn.pdbx_ptnr2_label_alt_id 
_struct_conn.pdbx_ptnr2_PDB_ins_code 
_struct_conn.ptnr1_auth_asym_id 
_struct_conn.ptnr1_auth_comp_id 
_struct_conn.ptnr1_auth_seq_id 
_struct_conn.ptnr2_auth_asym_id 
_struct_conn.ptnr2_auth_comp_id 
_struct_conn.ptnr2_auth_seq_id 
_struct_conn.ptnr2_symmetry 
_struct_conn.pdbx_ptnr3_label_atom_id 
_struct_conn.pdbx_ptnr3_label_seq_id 
_struct_conn.pdbx_ptnr3_label_comp_id 
_struct_conn.pdbx_ptnr3_label_asym_id 
_struct_conn.pdbx_ptnr3_label_alt_id 
_struct_conn.pdbx_ptnr3_PDB_ins_code 
_struct_conn.details 
_struct_conn.pdbx_dist_value 
_struct_conn.pdbx_value_order 
_struct_conn.pdbx_role 
covale1  covale both ? A DA  5  "O3'" ? ? ? 1_555 A 2GT 6  P  ? ? A DA  5  A 2GT 6  1_555 ? ? ? ? ? ? ?            1.591 ? ? 
covale2  covale both ? A 2GT 6  "O3'" ? ? ? 1_555 A DA  7  P  ? ? A 2GT 6  A DA  7  1_555 ? ? ? ? ? ? ?            1.604 ? ? 
covale3  covale both ? B DA  5  "O3'" ? ? ? 1_555 B 2GT 6  P  ? ? B DA  15 B 2GT 16 1_555 ? ? ? ? ? ? ?            1.591 ? ? 
covale4  covale both ? B 2GT 6  "O3'" ? ? ? 1_555 B DA  7  P  ? ? B 2GT 16 B DA  17 1_555 ? ? ? ? ? ? ?            1.593 ? ? 
hydrog1  hydrog ?    ? A DG  1  N1    ? ? ? 1_555 B DC  10 N3 ? ? A DG  1  B DC  20 1_555 ? ? ? ? ? ? WATSON-CRICK ?     ? ? 
hydrog2  hydrog ?    ? A DG  1  N2    ? ? ? 1_555 B DC  10 O2 ? ? A DG  1  B DC  20 1_555 ? ? ? ? ? ? WATSON-CRICK ?     ? ? 
hydrog3  hydrog ?    ? A DG  1  O6    ? ? ? 1_555 B DC  10 N4 ? ? A DG  1  B DC  20 1_555 ? ? ? ? ? ? WATSON-CRICK ?     ? ? 
hydrog4  hydrog ?    ? A DC  2  N3    ? ? ? 1_555 B DG  9  N1 ? ? A DC  2  B DG  19 1_555 ? ? ? ? ? ? WATSON-CRICK ?     ? ? 
hydrog5  hydrog ?    ? A DC  2  N4    ? ? ? 1_555 B DG  9  O6 ? ? A DC  2  B DG  19 1_555 ? ? ? ? ? ? WATSON-CRICK ?     ? ? 
hydrog6  hydrog ?    ? A DC  2  O2    ? ? ? 1_555 B DG  9  N2 ? ? A DC  2  B DG  19 1_555 ? ? ? ? ? ? WATSON-CRICK ?     ? ? 
hydrog7  hydrog ?    ? A DG  3  N1    ? ? ? 1_555 B DC  8  N3 ? ? A DG  3  B DC  18 1_555 ? ? ? ? ? ? WATSON-CRICK ?     ? ? 
hydrog8  hydrog ?    ? A DG  3  N2    ? ? ? 1_555 B DC  8  O2 ? ? A DG  3  B DC  18 1_555 ? ? ? ? ? ? WATSON-CRICK ?     ? ? 
hydrog9  hydrog ?    ? A DG  3  O6    ? ? ? 1_555 B DC  8  N4 ? ? A DG  3  B DC  18 1_555 ? ? ? ? ? ? WATSON-CRICK ?     ? ? 
hydrog10 hydrog ?    ? A DT  4  N3    ? ? ? 1_555 B DA  7  N1 ? ? A DT  4  B DA  17 1_555 ? ? ? ? ? ? WATSON-CRICK ?     ? ? 
hydrog11 hydrog ?    ? A DT  4  O4    ? ? ? 1_555 B DA  7  N6 ? ? A DT  4  B DA  17 1_555 ? ? ? ? ? ? WATSON-CRICK ?     ? ? 
hydrog12 hydrog ?    ? A DA  5  N1    ? ? ? 1_555 B 2GT 6  N3 ? ? A DA  5  B 2GT 16 1_555 ? ? ? ? ? ? WATSON-CRICK ?     ? ? 
hydrog13 hydrog ?    ? A DA  5  N6    ? ? ? 1_555 B 2GT 6  O4 ? ? A DA  5  B 2GT 16 1_555 ? ? ? ? ? ? WATSON-CRICK ?     ? ? 
hydrog14 hydrog ?    ? A 2GT 6  N3    ? ? ? 1_555 B DA  5  N1 ? ? A 2GT 6  B DA  15 1_555 ? ? ? ? ? ? WATSON-CRICK ?     ? ? 
hydrog15 hydrog ?    ? A 2GT 6  O4    ? ? ? 1_555 B DA  5  N6 ? ? A 2GT 6  B DA  15 1_555 ? ? ? ? ? ? WATSON-CRICK ?     ? ? 
hydrog16 hydrog ?    ? A DA  7  N1    ? ? ? 1_555 B DT  4  N3 ? ? A DA  7  B DT  14 1_555 ? ? ? ? ? ? WATSON-CRICK ?     ? ? 
hydrog17 hydrog ?    ? A DA  7  N6    ? ? ? 1_555 B DT  4  O4 ? ? A DA  7  B DT  14 1_555 ? ? ? ? ? ? WATSON-CRICK ?     ? ? 
hydrog18 hydrog ?    ? A DC  8  N3    ? ? ? 1_555 B DG  3  N1 ? ? A DC  8  B DG  13 1_555 ? ? ? ? ? ? WATSON-CRICK ?     ? ? 
hydrog19 hydrog ?    ? A DC  8  N4    ? ? ? 1_555 B DG  3  O6 ? ? A DC  8  B DG  13 1_555 ? ? ? ? ? ? WATSON-CRICK ?     ? ? 
hydrog20 hydrog ?    ? A DC  8  O2    ? ? ? 1_555 B DG  3  N2 ? ? A DC  8  B DG  13 1_555 ? ? ? ? ? ? WATSON-CRICK ?     ? ? 
hydrog21 hydrog ?    ? A DG  9  N1    ? ? ? 1_555 B DC  2  N3 ? ? A DG  9  B DC  12 1_555 ? ? ? ? ? ? WATSON-CRICK ?     ? ? 
hydrog22 hydrog ?    ? A DG  9  N2    ? ? ? 1_555 B DC  2  O2 ? ? A DG  9  B DC  12 1_555 ? ? ? ? ? ? WATSON-CRICK ?     ? ? 
hydrog23 hydrog ?    ? A DG  9  O6    ? ? ? 1_555 B DC  2  N4 ? ? A DG  9  B DC  12 1_555 ? ? ? ? ? ? WATSON-CRICK ?     ? ? 
hydrog24 hydrog ?    ? A DC  10 N3    ? ? ? 1_555 B DG  1  N1 ? ? A DC  10 B DG  11 1_555 ? ? ? ? ? ? WATSON-CRICK ?     ? ? 
hydrog25 hydrog ?    ? A DC  10 N4    ? ? ? 1_555 B DG  1  O6 ? ? A DC  10 B DG  11 1_555 ? ? ? ? ? ? WATSON-CRICK ?     ? ? 
hydrog26 hydrog ?    ? A DC  10 O2    ? ? ? 1_555 B DG  1  N2 ? ? A DC  10 B DG  11 1_555 ? ? ? ? ? ? WATSON-CRICK ?     ? ? 
# 
loop_
_struct_conn_type.id 
_struct_conn_type.criteria 
_struct_conn_type.reference 
covale ? ? 
hydrog ? ? 
# 
_atom_sites.entry_id                    1Y9S 
_atom_sites.fract_transf_matrix[1][1]   -0.00107491 
_atom_sites.fract_transf_matrix[1][2]   -0.04024141 
_atom_sites.fract_transf_matrix[1][3]   0.00114360 
_atom_sites.fract_transf_matrix[2][1]   0.02114451 
_atom_sites.fract_transf_matrix[2][2]   -0.00037000 
_atom_sites.fract_transf_matrix[2][3]   0.00685493 
_atom_sites.fract_transf_matrix[3][1]   -0.00677492 
_atom_sites.fract_transf_matrix[3][2]   0.00077604 
_atom_sites.fract_transf_matrix[3][3]   0.02093960 
_atom_sites.fract_transf_vector[1]      0.138071 
_atom_sites.fract_transf_vector[2]      0.042760 
_atom_sites.fract_transf_vector[3]      0.254591 
# 
loop_
_atom_type.symbol 
C 
N 
O 
P 
# 
loop_
_atom_site.group_PDB 
_atom_site.id 
_atom_site.type_symbol 
_atom_site.label_atom_id 
_atom_site.label_alt_id 
_atom_site.label_comp_id 
_atom_site.label_asym_id 
_atom_site.label_entity_id 
_atom_site.label_seq_id 
_atom_site.pdbx_PDB_ins_code 
_atom_site.Cartn_x 
_atom_site.Cartn_y 
_atom_site.Cartn_z 
_atom_site.occupancy 
_atom_site.B_iso_or_equiv 
_atom_site.pdbx_formal_charge 
_atom_site.auth_seq_id 
_atom_site.auth_comp_id 
_atom_site.auth_asym_id 
_atom_site.auth_atom_id 
_atom_site.pdbx_PDB_model_num 
ATOM   1   O "O5'" . DG  A 1 1  ? -8.801  8.302   2.128   1.00 34.19 ? 1   DG  A "O5'" 1 
ATOM   2   C "C5'" . DG  A 1 1  ? -10.045 7.974   2.721   1.00 29.87 ? 1   DG  A "C5'" 1 
ATOM   3   C "C4'" . DG  A 1 1  ? -11.037 7.583   1.651   1.00 25.23 ? 1   DG  A "C4'" 1 
ATOM   4   O "O4'" . DG  A 1 1  ? -11.070 8.614   0.649   1.00 24.22 ? 1   DG  A "O4'" 1 
ATOM   5   C "C3'" . DG  A 1 1  ? -10.698 6.311   0.882   1.00 24.51 ? 1   DG  A "C3'" 1 
ATOM   6   O "O3'" . DG  A 1 1  ? -11.191 5.164   1.584   1.00 27.13 ? 1   DG  A "O3'" 1 
ATOM   7   C "C2'" . DG  A 1 1  ? -11.411 6.533   -0.443  1.00 20.33 ? 1   DG  A "C2'" 1 
ATOM   8   C "C1'" . DG  A 1 1  ? -11.234 8.037   -0.652  1.00 23.18 ? 1   DG  A "C1'" 1 
ATOM   9   N N9    . DG  A 1 1  ? -10.048 8.385   -1.434  1.00 21.83 ? 1   DG  A N9    1 
ATOM   10  C C8    . DG  A 1 1  ? -8.954  9.078   -0.973  1.00 24.29 ? 1   DG  A C8    1 
ATOM   11  N N7    . DG  A 1 1  ? -8.050  9.281   -1.890  1.00 23.73 ? 1   DG  A N7    1 
ATOM   12  C C5    . DG  A 1 1  ? -8.575  8.685   -3.032  1.00 20.54 ? 1   DG  A C5    1 
ATOM   13  C C6    . DG  A 1 1  ? -8.049  8.595   -4.356  1.00 19.89 ? 1   DG  A C6    1 
ATOM   14  O O6    . DG  A 1 1  ? -6.984  9.059   -4.797  1.00 20.27 ? 1   DG  A O6    1 
ATOM   15  N N1    . DG  A 1 1  ? -8.909  7.879   -5.206  1.00 18.14 ? 1   DG  A N1    1 
ATOM   16  C C2    . DG  A 1 1  ? -10.122 7.359   -4.827  1.00 19.13 ? 1   DG  A C2    1 
ATOM   17  N N2    . DG  A 1 1  ? -10.832 6.722   -5.779  1.00 18.85 ? 1   DG  A N2    1 
ATOM   18  N N3    . DG  A 1 1  ? -10.619 7.454   -3.596  1.00 18.85 ? 1   DG  A N3    1 
ATOM   19  C C4    . DG  A 1 1  ? -9.801  8.116   -2.763  1.00 20.51 ? 1   DG  A C4    1 
ATOM   20  P P     . DC  A 1 2  ? -10.395 3.770   1.487   1.00 26.16 ? 2   DC  A P     1 
ATOM   21  O OP1   . DC  A 1 2  ? -11.038 2.851   2.468   1.00 30.35 ? 2   DC  A OP1   1 
ATOM   22  O OP2   . DC  A 1 2  ? -8.945  4.067   1.579   1.00 24.17 ? 2   DC  A OP2   1 
ATOM   23  O "O5'" . DC  A 1 2  ? -10.694 3.230   0.022   1.00 22.23 ? 2   DC  A "O5'" 1 
ATOM   24  C "C5'" . DC  A 1 2  ? -12.029 3.017   -0.459  1.00 21.81 ? 2   DC  A "C5'" 1 
ATOM   25  C "C4'" . DC  A 1 2  ? -11.991 2.734   -1.947  1.00 22.15 ? 2   DC  A "C4'" 1 
ATOM   26  O "O4'" . DC  A 1 2  ? -11.527 3.898   -2.650  1.00 21.35 ? 2   DC  A "O4'" 1 
ATOM   27  C "C3'" . DC  A 1 2  ? -11.041 1.626   -2.379  1.00 20.67 ? 2   DC  A "C3'" 1 
ATOM   28  O "O3'" . DC  A 1 2  ? -11.688 0.363   -2.309  1.00 20.67 ? 2   DC  A "O3'" 1 
ATOM   29  C "C2'" . DC  A 1 2  ? -10.710 2.003   -3.817  1.00 19.87 ? 2   DC  A "C2'" 1 
ATOM   30  C "C1'" . DC  A 1 2  ? -10.719 3.526   -3.763  1.00 19.31 ? 2   DC  A "C1'" 1 
ATOM   31  N N1    . DC  A 1 2  ? -9.389  4.131   -3.575  1.00 17.55 ? 2   DC  A N1    1 
ATOM   32  C C2    . DC  A 1 2  ? -8.602  4.358   -4.717  1.00 18.81 ? 2   DC  A C2    1 
ATOM   33  O O2    . DC  A 1 2  ? -9.014  3.951   -5.811  1.00 19.29 ? 2   DC  A O2    1 
ATOM   34  N N3    . DC  A 1 2  ? -7.421  4.993   -4.602  1.00 19.06 ? 2   DC  A N3    1 
ATOM   35  C C4    . DC  A 1 2  ? -6.993  5.385   -3.407  1.00 21.11 ? 2   DC  A C4    1 
ATOM   36  N N4    . DC  A 1 2  ? -5.820  6.062   -3.362  1.00 19.74 ? 2   DC  A N4    1 
ATOM   37  C C5    . DC  A 1 2  ? -7.742  5.118   -2.207  1.00 17.79 ? 2   DC  A C5    1 
ATOM   38  C C6    . DC  A 1 2  ? -8.928  4.488   -2.339  1.00 20.77 ? 2   DC  A C6    1 
ATOM   39  P P     . DG  A 1 3  ? -10.811 -0.976  -2.368  1.00 22.45 ? 3   DG  A P     1 
ATOM   40  O OP1   . DG  A 1 3  ? -11.764 -2.117  -2.322  1.00 24.70 ? 3   DG  A OP1   1 
ATOM   41  O OP2   . DG  A 1 3  ? -9.714  -0.885  -1.366  1.00 23.39 ? 3   DG  A OP2   1 
ATOM   42  O "O5'" . DG  A 1 3  ? -10.170 -0.901  -3.822  1.00 18.37 ? 3   DG  A "O5'" 1 
ATOM   43  C "C5'" . DG  A 1 3  ? -8.850  -1.435  -4.090  1.00 15.51 ? 3   DG  A "C5'" 1 
ATOM   44  C "C4'" . DG  A 1 3  ? -8.432  -1.066  -5.496  1.00 17.94 ? 3   DG  A "C4'" 1 
ATOM   45  O "O4'" . DG  A 1 3  ? -8.222  0.350   -5.583  1.00 16.54 ? 3   DG  A "O4'" 1 
ATOM   46  C "C3'" . DG  A 1 3  ? -7.120  -1.678  -5.957  1.00 17.37 ? 3   DG  A "C3'" 1 
ATOM   47  O "O3'" . DG  A 1 3  ? -7.340  -2.963  -6.511  1.00 18.72 ? 3   DG  A "O3'" 1 
ATOM   48  C "C2'" . DG  A 1 3  ? -6.634  -0.691  -6.998  1.00 19.88 ? 3   DG  A "C2'" 1 
ATOM   49  C "C1'" . DG  A 1 3  ? -7.132  0.640   -6.436  1.00 15.44 ? 3   DG  A "C1'" 1 
ATOM   50  N N9    . DG  A 1 3  ? -6.144  1.370   -5.646  1.00 15.83 ? 3   DG  A N9    1 
ATOM   51  C C8    . DG  A 1 3  ? -6.216  1.727   -4.324  1.00 15.69 ? 3   DG  A C8    1 
ATOM   52  N N7    . DG  A 1 3  ? -5.196  2.468   -3.938  1.00 17.23 ? 3   DG  A N7    1 
ATOM   53  C C5    . DG  A 1 3  ? -4.404  2.579   -5.068  1.00 17.00 ? 3   DG  A C5    1 
ATOM   54  C C6    . DG  A 1 3  ? -3.182  3.286   -5.282  1.00 15.81 ? 3   DG  A C6    1 
ATOM   55  O O6    . DG  A 1 3  ? -2.530  3.974   -4.480  1.00 18.51 ? 3   DG  A O6    1 
ATOM   56  N N1    . DG  A 1 3  ? -2.720  3.123   -6.583  1.00 15.10 ? 3   DG  A N1    1 
ATOM   57  C C2    . DG  A 1 3  ? -3.350  2.372   -7.555  1.00 15.67 ? 3   DG  A C2    1 
ATOM   58  N N2    . DG  A 1 3  ? -2.717  2.271   -8.735  1.00 17.39 ? 3   DG  A N2    1 
ATOM   59  N N3    . DG  A 1 3  ? -4.504  1.754   -7.374  1.00 15.53 ? 3   DG  A N3    1 
ATOM   60  C C4    . DG  A 1 3  ? -4.963  1.890   -6.123  1.00 15.37 ? 3   DG  A C4    1 
ATOM   61  P P     . DT  A 1 4  ? -6.156  -4.041  -6.478  1.00 18.09 ? 4   DT  A P     1 
ATOM   62  O OP1   . DT  A 1 4  ? -6.721  -5.358  -6.960  1.00 19.71 ? 4   DT  A OP1   1 
ATOM   63  O OP2   . DT  A 1 4  ? -5.468  -3.998  -5.182  1.00 19.78 ? 4   DT  A OP2   1 
ATOM   64  O "O5'" . DT  A 1 4  ? -5.102  -3.468  -7.530  1.00 18.73 ? 4   DT  A "O5'" 1 
ATOM   65  C "C5'" . DT  A 1 4  ? -5.229  -3.661  -8.943  1.00 18.12 ? 4   DT  A "C5'" 1 
ATOM   66  C "C4'" . DT  A 1 4  ? -3.905  -3.374  -9.621  1.00 17.53 ? 4   DT  A "C4'" 1 
ATOM   67  O "O4'" . DT  A 1 4  ? -3.560  -1.971  -9.488  1.00 18.02 ? 4   DT  A "O4'" 1 
ATOM   68  C "C3'" . DT  A 1 4  ? -2.723  -4.108  -9.006  1.00 17.34 ? 4   DT  A "C3'" 1 
ATOM   69  O "O3'" . DT  A 1 4  ? -2.618  -5.437  -9.511  1.00 16.37 ? 4   DT  A "O3'" 1 
ATOM   70  C "C2'" . DT  A 1 4  ? -1.560  -3.213  -9.390  1.00 14.80 ? 4   DT  A "C2'" 1 
ATOM   71  C "C1'" . DT  A 1 4  ? -2.152  -1.820  -9.333  1.00 16.60 ? 4   DT  A "C1'" 1 
ATOM   72  N N1    . DT  A 1 4  ? -1.908  -1.154  -8.034  1.00 15.74 ? 4   DT  A N1    1 
ATOM   73  C C2    . DT  A 1 4  ? -0.781  -0.367  -7.930  1.00 17.72 ? 4   DT  A C2    1 
ATOM   74  O O2    . DT  A 1 4  ? 0.032   -0.253  -8.838  1.00 15.92 ? 4   DT  A O2    1 
ATOM   75  N N3    . DT  A 1 4  ? -0.638  0.268   -6.718  1.00 17.61 ? 4   DT  A N3    1 
ATOM   76  C C4    . DT  A 1 4  ? -1.473  0.163   -5.616  1.00 13.79 ? 4   DT  A C4    1 
ATOM   77  O O4    . DT  A 1 4  ? -1.265  0.826   -4.591  1.00 15.24 ? 4   DT  A O4    1 
ATOM   78  C C5    . DT  A 1 4  ? -2.585  -0.730  -5.770  1.00 13.17 ? 4   DT  A C5    1 
ATOM   79  C C7    . DT  A 1 4  ? -3.461  -0.974  -4.584  1.00 15.51 ? 4   DT  A C7    1 
ATOM   80  C C6    . DT  A 1 4  ? -2.766  -1.313  -6.965  1.00 15.42 ? 4   DT  A C6    1 
ATOM   81  P P     . DA  A 1 5  ? -1.979  -6.574  -8.609  1.00 19.44 ? 5   DA  A P     1 
ATOM   82  O OP1   . DA  A 1 5  ? -2.052  -7.829  -9.431  1.00 22.04 ? 5   DA  A OP1   1 
ATOM   83  O OP2   . DA  A 1 5  ? -2.574  -6.572  -7.258  1.00 18.58 ? 5   DA  A OP2   1 
ATOM   84  O "O5'" . DA  A 1 5  ? -0.475  -6.084  -8.465  1.00 17.50 ? 5   DA  A "O5'" 1 
ATOM   85  C "C5'" . DA  A 1 5  ? 0.278   -6.276  -7.280  1.00 20.86 ? 5   DA  A "C5'" 1 
ATOM   86  C "C4'" . DA  A 1 5  ? 1.590   -5.553  -7.438  1.00 17.78 ? 5   DA  A "C4'" 1 
ATOM   87  O "O4'" . DA  A 1 5  ? 1.310   -4.156  -7.571  1.00 17.93 ? 5   DA  A "O4'" 1 
ATOM   88  C "C3'" . DA  A 1 5  ? 2.557   -5.639  -6.279  1.00 17.24 ? 5   DA  A "C3'" 1 
ATOM   89  O "O3'" . DA  A 1 5  ? 3.302   -6.843  -6.356  1.00 19.07 ? 5   DA  A "O3'" 1 
ATOM   90  C "C2'" . DA  A 1 5  ? 3.404   -4.400  -6.481  1.00 18.60 ? 5   DA  A "C2'" 1 
ATOM   91  C "C1'" . DA  A 1 5  ? 2.368   -3.391  -6.970  1.00 16.85 ? 5   DA  A "C1'" 1 
ATOM   92  N N9    . DA  A 1 5  ? 1.801   -2.624  -5.867  1.00 15.01 ? 5   DA  A N9    1 
ATOM   93  C C8    . DA  A 1 5  ? 0.583   -2.780  -5.248  1.00 17.24 ? 5   DA  A C8    1 
ATOM   94  N N7    . DA  A 1 5  ? 0.388   -1.953  -4.256  1.00 16.21 ? 5   DA  A N7    1 
ATOM   95  C C5    . DA  A 1 5  ? 1.554   -1.198  -4.216  1.00 14.44 ? 5   DA  A C5    1 
ATOM   96  C C6    . DA  A 1 5  ? 1.971   -0.128  -3.380  1.00 17.03 ? 5   DA  A C6    1 
ATOM   97  N N6    . DA  A 1 5  ? 1.244   0.355   -2.372  1.00 13.32 ? 5   DA  A N6    1 
ATOM   98  N N1    . DA  A 1 5  ? 3.189   0.414   -3.630  1.00 16.24 ? 5   DA  A N1    1 
ATOM   99  C C2    . DA  A 1 5  ? 3.905   -0.073  -4.638  1.00 17.64 ? 5   DA  A C2    1 
ATOM   100 N N3    . DA  A 1 5  ? 3.621   -1.064  -5.485  1.00 15.00 ? 5   DA  A N3    1 
ATOM   101 C C4    . DA  A 1 5  ? 2.420   -1.586  -5.209  1.00 15.09 ? 5   DA  A C4    1 
HETATM 102 P P     . 2GT A 1 6  ? 3.746   -7.569  -5.011  1.00 18.84 ? 6   2GT A P     1 
HETATM 103 O OP1   . 2GT A 1 6  ? 4.441   -8.813  -5.480  1.00 22.17 ? 6   2GT A OP1   1 
HETATM 104 O OP2   . 2GT A 1 6  ? 2.677   -7.685  -4.045  1.00 17.47 ? 6   2GT A OP2   1 
HETATM 105 O "O5'" . 2GT A 1 6  ? 4.860   -6.580  -4.457  1.00 18.19 ? 6   2GT A "O5'" 1 
HETATM 106 C "C5'" . 2GT A 1 6  ? 6.019   -6.364  -5.218  1.00 17.54 ? 6   2GT A "C5'" 1 
HETATM 107 C "C4'" . 2GT A 1 6  ? 6.872   -5.316  -4.558  1.00 18.72 ? 6   2GT A "C4'" 1 
HETATM 108 O "O4'" . 2GT A 1 6  ? 6.201   -4.032  -4.633  1.00 19.72 ? 6   2GT A "O4'" 1 
HETATM 109 C "C1'" . 2GT A 1 6  ? 6.487   -3.283  -3.458  1.00 17.53 ? 6   2GT A "C1'" 1 
HETATM 110 N N1    . 2GT A 1 6  ? 5.225   -3.048  -2.713  1.00 16.93 ? 6   2GT A N1    1 
HETATM 111 C C6    . 2GT A 1 6  ? 4.115   -3.875  -2.831  1.00 16.39 ? 6   2GT A C6    1 
HETATM 112 C C2    . 2GT A 1 6  ? 5.215   -1.966  -1.881  1.00 17.52 ? 6   2GT A C2    1 
HETATM 113 O O2    . 2GT A 1 6  ? 6.201   -1.272  -1.712  1.00 18.13 ? 6   2GT A O2    1 
HETATM 114 N N3    . 2GT A 1 6  ? 4.021   -1.742  -1.228  1.00 16.98 ? 6   2GT A N3    1 
HETATM 115 C C4    . 2GT A 1 6  ? 2.879   -2.514  -1.296  1.00 17.92 ? 6   2GT A C4    1 
HETATM 116 O O4    . 2GT A 1 6  ? 1.906   -2.218  -0.637  1.00 17.52 ? 6   2GT A O4    1 
HETATM 117 C C5    . 2GT A 1 6  ? 2.963   -3.664  -2.166  1.00 16.32 ? 6   2GT A C5    1 
HETATM 118 C C5M   . 2GT A 1 6  ? 1.777   -4.571  -2.275  1.00 16.63 ? 6   2GT A C5M   1 
HETATM 119 C "C2'" . 2GT A 1 6  ? 7.470   -4.117  -2.623  1.00 18.04 ? 6   2GT A "C2'" 1 
HETATM 120 O "O2'" . 2GT A 1 6  ? 8.770   -3.837  -3.137  1.00 20.29 ? 6   2GT A "O2'" 1 
HETATM 121 C "CB'" . 2GT A 1 6  ? 9.291   -2.591  -2.691  1.00 20.84 ? 6   2GT A "CB'" 1 
HETATM 122 C "CC'" . 2GT A 1 6  ? 10.587  -2.369  -3.341  1.00 29.09 ? 6   2GT A "CC'" 1 
HETATM 123 C "CD'" . 2GT A 1 6  ? 11.643  -2.188  -3.901  1.00 38.12 ? 6   2GT A "CD'" 1 
HETATM 124 C "C3'" . 2GT A 1 6  ? 7.094   -5.518  -3.068  1.00 17.79 ? 6   2GT A "C3'" 1 
HETATM 125 O "O3'" . 2GT A 1 6  ? 8.090   -6.484  -2.758  1.00 18.64 ? 6   2GT A "O3'" 1 
ATOM   126 P P     . DA  A 1 7  ? 7.987   -7.330  -1.399  1.00 19.15 ? 7   DA  A P     1 
ATOM   127 O OP1   . DA  A 1 7  ? 9.050   -8.383  -1.537  1.00 24.76 ? 7   DA  A OP1   1 
ATOM   128 O OP2   . DA  A 1 7  ? 6.610   -7.723  -1.070  1.00 20.38 ? 7   DA  A OP2   1 
ATOM   129 O "O5'" . DA  A 1 7  ? 8.454   -6.281  -0.278  1.00 17.50 ? 7   DA  A "O5'" 1 
ATOM   130 C "C5'" . DA  A 1 7  ? 9.795   -5.768  -0.248  1.00 18.85 ? 7   DA  A "C5'" 1 
ATOM   131 C "C4'" . DA  A 1 7  ? 9.939   -4.729  0.840   1.00 16.77 ? 7   DA  A "C4'" 1 
ATOM   132 O "O4'" . DA  A 1 7  ? 9.137   -3.579  0.479   1.00 17.44 ? 7   DA  A "O4'" 1 
ATOM   133 C "C3'" . DA  A 1 7  ? 9.415   -5.130  2.216   1.00 18.76 ? 7   DA  A "C3'" 1 
ATOM   134 O "O3'" . DA  A 1 7  ? 10.357  -5.902  2.973   1.00 21.17 ? 7   DA  A "O3'" 1 
ATOM   135 C "C2'" . DA  A 1 7  ? 9.141   -3.784  2.850   1.00 18.28 ? 7   DA  A "C2'" 1 
ATOM   136 C "C1'" . DA  A 1 7  ? 8.619   -2.968  1.663   1.00 15.36 ? 7   DA  A "C1'" 1 
ATOM   137 N N9    . DA  A 1 7  ? 7.161   -3.048  1.613   1.00 17.16 ? 7   DA  A N9    1 
ATOM   138 C C8    . DA  A 1 7  ? 6.360   -3.957  0.954   1.00 17.57 ? 7   DA  A C8    1 
ATOM   139 N N7    . DA  A 1 7  ? 5.077   -3.773  1.174   1.00 17.19 ? 7   DA  A N7    1 
ATOM   140 C C5    . DA  A 1 7  ? 5.035   -2.665  2.013   1.00 15.14 ? 7   DA  A C5    1 
ATOM   141 C C6    . DA  A 1 7  ? 3.974   -1.982  2.632   1.00 17.09 ? 7   DA  A C6    1 
ATOM   142 N N6    . DA  A 1 7  ? 2.691   -2.318  2.467   1.00 17.62 ? 7   DA  A N6    1 
ATOM   143 N N1    . DA  A 1 7  ? 4.277   -0.941  3.430   1.00 16.24 ? 7   DA  A N1    1 
ATOM   144 C C2    . DA  A 1 7  ? 5.569   -0.608  3.603   1.00 17.78 ? 7   DA  A C2    1 
ATOM   145 N N3    . DA  A 1 7  ? 6.655   -1.172  3.068   1.00 17.79 ? 7   DA  A N3    1 
ATOM   146 C C4    . DA  A 1 7  ? 6.309   -2.207  2.282   1.00 16.14 ? 7   DA  A C4    1 
ATOM   147 P P     . DC  A 1 8  ? 9.823   -6.908  4.102   1.00 20.13 ? 8   DC  A P     1 
ATOM   148 O OP1   . DC  A 1 8  ? 11.060  -7.651  4.525   1.00 21.69 ? 8   DC  A OP1   1 
ATOM   149 O OP2   . DC  A 1 8  ? 8.633   -7.629  3.644   1.00 19.42 ? 8   DC  A OP2   1 
ATOM   150 O "O5'" . DC  A 1 8  ? 9.417   -5.996  5.347   1.00 17.20 ? 8   DC  A "O5'" 1 
ATOM   151 C "C5'" . DC  A 1 8  ? 10.382  -5.140  5.942   1.00 15.31 ? 8   DC  A "C5'" 1 
ATOM   152 C "C4'" . DC  A 1 8  ? 9.711   -4.115  6.824   1.00 14.82 ? 8   DC  A "C4'" 1 
ATOM   153 O "O4'" . DC  A 1 8  ? 8.840   -3.277  6.034   1.00 16.36 ? 8   DC  A "O4'" 1 
ATOM   154 C "C3'" . DC  A 1 8  ? 8.808   -4.637  7.933   1.00 15.96 ? 8   DC  A "C3'" 1 
ATOM   155 O "O3'" . DC  A 1 8  ? 9.572   -5.064  9.048   1.00 20.35 ? 8   DC  A "O3'" 1 
ATOM   156 C "C2'" . DC  A 1 8  ? 7.962   -3.405  8.228   1.00 15.81 ? 8   DC  A "C2'" 1 
ATOM   157 C "C1'" . DC  A 1 8  ? 7.752   -2.842  6.834   1.00 14.97 ? 8   DC  A "C1'" 1 
ATOM   158 N N1    . DC  A 1 8  ? 6.502   -3.351  6.224   1.00 16.01 ? 8   DC  A N1    1 
ATOM   159 C C2    . DC  A 1 8  ? 5.316   -2.717  6.569   1.00 18.15 ? 8   DC  A C2    1 
ATOM   160 O O2    . DC  A 1 8  ? 5.368   -1.754  7.344   1.00 17.30 ? 8   DC  A O2    1 
ATOM   161 N N3    . DC  A 1 8  ? 4.150   -3.178  6.064   1.00 17.28 ? 8   DC  A N3    1 
ATOM   162 C C4    . DC  A 1 8  ? 4.131   -4.250  5.273   1.00 19.63 ? 8   DC  A C4    1 
ATOM   163 N N4    . DC  A 1 8  ? 2.930   -4.706  4.857   1.00 18.18 ? 8   DC  A N4    1 
ATOM   164 C C5    . DC  A 1 8  ? 5.325   -4.915  4.892   1.00 17.33 ? 8   DC  A C5    1 
ATOM   165 C C6    . DC  A 1 8  ? 6.488   -4.425  5.376   1.00 17.15 ? 8   DC  A C6    1 
ATOM   166 P P     . DG  A 1 9  ? 8.937   -6.086  10.103  1.00 17.62 ? 9   DG  A P     1 
ATOM   167 O OP1   . DG  A 1 9  ? 10.003  -6.425  11.079  1.00 19.56 ? 9   DG  A OP1   1 
ATOM   168 O OP2   . DG  A 1 9  ? 8.174   -7.176  9.442   1.00 19.99 ? 9   DG  A OP2   1 
ATOM   169 O "O5'" . DG  A 1 9  ? 7.839   -5.215  10.846  1.00 16.13 ? 9   DG  A "O5'" 1 
ATOM   170 C "C5'" . DG  A 1 9  ? 8.181   -4.171  11.719  1.00 12.77 ? 9   DG  A "C5'" 1 
ATOM   171 C "C4'" . DG  A 1 9  ? 6.928   -3.583  12.313  1.00 15.25 ? 9   DG  A "C4'" 1 
ATOM   172 O "O4'" . DG  A 1 9  ? 6.155   -2.969  11.272  1.00 15.86 ? 9   DG  A "O4'" 1 
ATOM   173 C "C3'" . DG  A 1 9  ? 5.956   -4.561  12.954  1.00 14.53 ? 9   DG  A "C3'" 1 
ATOM   174 O "O3'" . DG  A 1 9  ? 6.325   -4.903  14.266  1.00 17.73 ? 9   DG  A "O3'" 1 
ATOM   175 C "C2'" . DG  A 1 9  ? 4.677   -3.752  12.950  1.00 15.44 ? 9   DG  A "C2'" 1 
ATOM   176 C "C1'" . DG  A 1 9  ? 4.764   -3.077  11.607  1.00 16.69 ? 9   DG  A "C1'" 1 
ATOM   177 N N9    . DG  A 1 9  ? 4.121   -3.890  10.590  1.00 14.55 ? 9   DG  A N9    1 
ATOM   178 C C8    . DG  A 1 9  ? 4.688   -4.675  9.618   1.00 18.49 ? 9   DG  A C8    1 
ATOM   179 N N7    . DG  A 1 9  ? 3.806   -5.238  8.832   1.00 18.40 ? 9   DG  A N7    1 
ATOM   180 C C5    . DG  A 1 9  ? 2.585   -4.793  9.321   1.00 14.52 ? 9   DG  A C5    1 
ATOM   181 C C6    . DG  A 1 9  ? 1.261   -5.048  8.869   1.00 16.37 ? 9   DG  A C6    1 
ATOM   182 O O6    . DG  A 1 9  ? 0.902   -5.712  7.880   1.00 17.09 ? 9   DG  A O6    1 
ATOM   183 N N1    . DG  A 1 9  ? 0.320   -4.426  9.686   1.00 18.01 ? 9   DG  A N1    1 
ATOM   184 C C2    . DG  A 1 9  ? 0.611   -3.632  10.782  1.00 17.22 ? 9   DG  A C2    1 
ATOM   185 N N2    . DG  A 1 9  ? -0.421  -3.127  11.476  1.00 18.18 ? 9   DG  A N2    1 
ATOM   186 N N3    . DG  A 1 9  ? 1.842   -3.359  11.178  1.00 17.56 ? 9   DG  A N3    1 
ATOM   187 C C4    . DG  A 1 9  ? 2.765   -3.978  10.411  1.00 15.31 ? 9   DG  A C4    1 
ATOM   188 P P     . DC  A 1 10 ? 5.891   -6.327  14.840  1.00 19.74 ? 10  DC  A P     1 
ATOM   189 O OP1   . DC  A 1 10 ? 6.553   -6.382  16.156  1.00 22.96 ? 10  DC  A OP1   1 
ATOM   190 O OP2   . DC  A 1 10 ? 6.080   -7.412  13.851  1.00 18.14 ? 10  DC  A OP2   1 
ATOM   191 O "O5'" . DC  A 1 10 ? 4.318   -6.189  15.074  1.00 16.56 ? 10  DC  A "O5'" 1 
ATOM   192 C "C5'" . DC  A 1 10 ? 3.807   -5.332  16.080  1.00 15.58 ? 10  DC  A "C5'" 1 
ATOM   193 C "C4'" . DC  A 1 10 ? 2.300   -5.422  16.123  1.00 16.25 ? 10  DC  A "C4'" 1 
ATOM   194 O "O4'" . DC  A 1 10 ? 1.746   -4.990  14.862  1.00 17.25 ? 10  DC  A "O4'" 1 
ATOM   195 C "C3'" . DC  A 1 10 ? 1.728   -6.821  16.334  1.00 16.55 ? 10  DC  A "C3'" 1 
ATOM   196 O "O3'" . DC  A 1 10 ? 1.678   -7.084  17.729  1.00 17.28 ? 10  DC  A "O3'" 1 
ATOM   197 C "C2'" . DC  A 1 10 ? 0.337   -6.686  15.740  1.00 16.63 ? 10  DC  A "C2'" 1 
ATOM   198 C "C1'" . DC  A 1 10 ? 0.542   -5.711  14.594  1.00 16.32 ? 10  DC  A "C1'" 1 
ATOM   199 N N1    . DC  A 1 10 ? 0.683   -6.390  13.300  1.00 16.78 ? 10  DC  A N1    1 
ATOM   200 C C2    . DC  A 1 10 ? -0.475  -6.731  12.616  1.00 18.35 ? 10  DC  A C2    1 
ATOM   201 O O2    . DC  A 1 10 ? -1.595  -6.426  13.121  1.00 19.43 ? 10  DC  A O2    1 
ATOM   202 N N3    . DC  A 1 10 ? -0.377  -7.373  11.440  1.00 18.36 ? 10  DC  A N3    1 
ATOM   203 C C4    . DC  A 1 10 ? 0.811   -7.675  10.931  1.00 19.87 ? 10  DC  A C4    1 
ATOM   204 N N4    . DC  A 1 10 ? 0.839   -8.317  9.758   1.00 17.84 ? 10  DC  A N4    1 
ATOM   205 C C5    . DC  A 1 10 ? 2.016   -7.333  11.601  1.00 19.20 ? 10  DC  A C5    1 
ATOM   206 C C6    . DC  A 1 10 ? 1.905   -6.695  12.774  1.00 16.49 ? 10  DC  A C6    1 
ATOM   207 O "O5'" . DG  B 1 1  ? -7.622  -8.455  4.153   1.00 37.79 ? 11  DG  B "O5'" 1 
ATOM   208 C "C5'" . DG  B 1 1  ? -8.919  -8.456  4.775   1.00 34.96 ? 11  DG  B "C5'" 1 
ATOM   209 C "C4'" . DG  B 1 1  ? -8.927  -8.049  6.233   1.00 28.32 ? 11  DG  B "C4'" 1 
ATOM   210 O "O4'" . DG  B 1 1  ? -8.207  -9.023  7.014   1.00 30.06 ? 11  DG  B "O4'" 1 
ATOM   211 C "C3'" . DG  B 1 1  ? -8.262  -6.717  6.551   1.00 27.18 ? 11  DG  B "C3'" 1 
ATOM   212 O "O3'" . DG  B 1 1  ? -9.179  -5.633  6.373   1.00 22.90 ? 11  DG  B "O3'" 1 
ATOM   213 C "C2'" . DG  B 1 1  ? -7.855  -6.890  8.006   1.00 26.26 ? 11  DG  B "C2'" 1 
ATOM   214 C "C1'" . DG  B 1 1  ? -7.503  -8.377  8.080   1.00 28.20 ? 11  DG  B "C1'" 1 
ATOM   215 N N9    . DG  B 1 1  ? -6.079  -8.665  7.908   1.00 22.44 ? 11  DG  B N9    1 
ATOM   216 C C8    . DG  B 1 1  ? -5.496  -9.366  6.876   1.00 23.08 ? 11  DG  B C8    1 
ATOM   217 N N7    . DG  B 1 1  ? -4.195  -9.469  6.992   1.00 24.31 ? 11  DG  B N7    1 
ATOM   218 C C5    . DG  B 1 1  ? -3.896  -8.796  8.170   1.00 21.10 ? 11  DG  B C5    1 
ATOM   219 C C6    . DG  B 1 1  ? -2.645  -8.583  8.814   1.00 23.01 ? 11  DG  B C6    1 
ATOM   220 O O6    . DG  B 1 1  ? -1.525  -8.969  8.465   1.00 21.13 ? 11  DG  B O6    1 
ATOM   221 N N1    . DG  B 1 1  ? -2.791  -7.857  9.985   1.00 21.28 ? 11  DG  B N1    1 
ATOM   222 C C2    . DG  B 1 1  ? -3.985  -7.402  10.489  1.00 22.49 ? 11  DG  B C2    1 
ATOM   223 N N2    . DG  B 1 1  ? -3.925  -6.733  11.662  1.00 18.67 ? 11  DG  B N2    1 
ATOM   224 N N3    . DG  B 1 1  ? -5.159  -7.593  9.892   1.00 21.26 ? 11  DG  B N3    1 
ATOM   225 C C4    . DG  B 1 1  ? -5.041  -8.292  8.753   1.00 21.73 ? 11  DG  B C4    1 
ATOM   226 P P     . DC  B 1 2  ? -8.632  -4.186  6.014   1.00 23.62 ? 12  DC  B P     1 
ATOM   227 O OP1   . DC  B 1 2  ? -9.818  -3.282  5.825   1.00 29.07 ? 12  DC  B OP1   1 
ATOM   228 O OP2   . DC  B 1 2  ? -7.630  -4.290  4.930   1.00 25.96 ? 12  DC  B OP2   1 
ATOM   229 O "O5'" . DC  B 1 2  ? -7.941  -3.707  7.361   1.00 22.53 ? 12  DC  B "O5'" 1 
ATOM   230 C "C5'" . DC  B 1 2  ? -8.734  -3.406  8.516   1.00 22.67 ? 12  DC  B "C5'" 1 
ATOM   231 C "C4'" . DC  B 1 2  ? -7.829  -3.002  9.651   1.00 21.69 ? 12  DC  B "C4'" 1 
ATOM   232 O "O4'" . DC  B 1 2  ? -6.984  -4.122  9.955   1.00 19.25 ? 12  DC  B "O4'" 1 
ATOM   233 C "C3'" . DC  B 1 2  ? -6.867  -1.888  9.289   1.00 18.99 ? 12  DC  B "C3'" 1 
ATOM   234 O "O3'" . DC  B 1 2  ? -7.460  -0.581  9.391   1.00 21.79 ? 12  DC  B "O3'" 1 
ATOM   235 C "C2'" . DC  B 1 2  ? -5.713  -2.128  10.252  1.00 20.42 ? 12  DC  B "C2'" 1 
ATOM   236 C "C1'" . DC  B 1 2  ? -5.670  -3.644  10.328  1.00 20.22 ? 12  DC  B "C1'" 1 
ATOM   237 N N1    . DC  B 1 2  ? -4.696  -4.199  9.377   1.00 20.04 ? 12  DC  B N1    1 
ATOM   238 C C2    . DC  B 1 2  ? -3.363  -4.192  9.752   1.00 18.12 ? 12  DC  B C2    1 
ATOM   239 O O2    . DC  B 1 2  ? -3.080  -3.664  10.820  1.00 16.75 ? 12  DC  B O2    1 
ATOM   240 N N3    . DC  B 1 2  ? -2.442  -4.729  8.926   1.00 18.17 ? 12  DC  B N3    1 
ATOM   241 C C4    . DC  B 1 2  ? -2.811  -5.239  7.746   1.00 20.58 ? 12  DC  B C4    1 
ATOM   242 N N4    . DC  B 1 2  ? -1.876  -5.800  6.977   1.00 19.20 ? 12  DC  B N4    1 
ATOM   243 C C5    . DC  B 1 2  ? -4.171  -5.205  7.308   1.00 19.74 ? 12  DC  B C5    1 
ATOM   244 C C6    . DC  B 1 2  ? -5.069  -4.696  8.161   1.00 17.99 ? 12  DC  B C6    1 
ATOM   245 P P     . DG  B 1 3  ? -6.942  0.584   8.424   1.00 26.63 ? 13  DG  B P     1 
ATOM   246 O OP1   . DG  B 1 3  ? -7.623  1.880   8.678   1.00 28.90 ? 13  DG  B OP1   1 
ATOM   247 O OP2   . DG  B 1 3  ? -6.952  0.006   7.070   1.00 28.54 ? 13  DG  B OP2   1 
ATOM   248 O "O5'" . DG  B 1 3  ? -5.428  0.825   8.861   1.00 22.97 ? 13  DG  B "O5'" 1 
ATOM   249 C "C5'" . DG  B 1 3  ? -5.165  1.371   10.134  1.00 22.78 ? 13  DG  B "C5'" 1 
ATOM   250 C "C4'" . DG  B 1 3  ? -3.680  1.396   10.392  1.00 22.59 ? 13  DG  B "C4'" 1 
ATOM   251 O "O4'" . DG  B 1 3  ? -3.164  0.048   10.383  1.00 21.31 ? 13  DG  B "O4'" 1 
ATOM   252 C "C3'" . DG  B 1 3  ? -2.842  2.098   9.345   1.00 19.25 ? 13  DG  B "C3'" 1 
ATOM   253 O "O3'" . DG  B 1 3  ? -2.904  3.498   9.473   1.00 17.86 ? 13  DG  B "O3'" 1 
ATOM   254 C "C2'" . DG  B 1 3  ? -1.462  1.541   9.648   1.00 19.04 ? 13  DG  B "C2'" 1 
ATOM   255 C "C1'" . DG  B 1 3  ? -1.782  0.094   10.013  1.00 21.19 ? 13  DG  B "C1'" 1 
ATOM   256 N N9    . DG  B 1 3  ? -1.566  -0.812  8.884   1.00 21.19 ? 13  DG  B N9    1 
ATOM   257 C C8    . DG  B 1 3  ? -2.485  -1.419  8.052   1.00 19.07 ? 13  DG  B C8    1 
ATOM   258 N N7    . DG  B 1 3  ? -1.930  -2.115  7.090   1.00 17.49 ? 13  DG  B N7    1 
ATOM   259 C C5    . DG  B 1 3  ? -0.561  -1.976  7.327   1.00 18.11 ? 13  DG  B C5    1 
ATOM   260 C C6    . DG  B 1 3  ? 0.570   -2.506  6.627   1.00 15.61 ? 13  DG  B C6    1 
ATOM   261 O O6    . DG  B 1 3  ? 0.596   -3.215  5.619   1.00 17.14 ? 13  DG  B O6    1 
ATOM   262 N N1    . DG  B 1 3  ? 1.765   -2.111  7.229   1.00 16.80 ? 13  DG  B N1    1 
ATOM   263 C C2    . DG  B 1 3  ? 1.857   -1.304  8.336   1.00 14.04 ? 13  DG  B C2    1 
ATOM   264 N N2    . DG  B 1 3  ? 3.098   -0.980  8.758   1.00 16.74 ? 13  DG  B N2    1 
ATOM   265 N N3    . DG  B 1 3  ? 0.820   -0.814  8.994   1.00 16.15 ? 13  DG  B N3    1 
ATOM   266 C C4    . DG  B 1 3  ? -0.341  -1.187  8.438   1.00 18.59 ? 13  DG  B C4    1 
ATOM   267 P P     . DT  B 1 4  ? -2.572  4.414   8.216   1.00 19.74 ? 14  DT  B P     1 
ATOM   268 O OP1   . DT  B 1 4  ? -2.833  5.842   8.627   1.00 22.73 ? 14  DT  B OP1   1 
ATOM   269 O OP2   . DT  B 1 4  ? -3.197  3.864   6.987   1.00 18.88 ? 14  DT  B OP2   1 
ATOM   270 O "O5'" . DT  B 1 4  ? -0.993  4.262   8.058   1.00 20.34 ? 14  DT  B "O5'" 1 
ATOM   271 C "C5'" . DT  B 1 4  ? -0.135  4.776   9.064   1.00 21.03 ? 14  DT  B "C5'" 1 
ATOM   272 C "C4'" . DT  B 1 4  ? 1.306   4.559   8.678   1.00 20.68 ? 14  DT  B "C4'" 1 
ATOM   273 O "O4'" . DT  B 1 4  ? 1.604   3.141   8.693   1.00 19.72 ? 14  DT  B "O4'" 1 
ATOM   274 C "C3'" . DT  B 1 4  ? 1.675   5.014   7.270   1.00 21.88 ? 14  DT  B "C3'" 1 
ATOM   275 O "O3'" . DT  B 1 4  ? 1.909   6.427   7.151   1.00 19.54 ? 14  DT  B "O3'" 1 
ATOM   276 C "C2'" . DT  B 1 4  ? 2.920   4.193   7.002   1.00 19.67 ? 14  DT  B "C2'" 1 
ATOM   277 C "C1'" . DT  B 1 4  ? 2.589   2.878   7.695   1.00 17.39 ? 14  DT  B "C1'" 1 
ATOM   278 N N1    . DT  B 1 4  ? 2.041   1.934   6.719   1.00 18.29 ? 14  DT  B N1    1 
ATOM   279 C C2    . DT  B 1 4  ? 2.962   1.226   5.967   1.00 19.44 ? 14  DT  B C2    1 
ATOM   280 O O2    . DT  B 1 4  ? 4.159   1.329   6.147   1.00 17.32 ? 14  DT  B O2    1 
ATOM   281 N N3    . DT  B 1 4  ? 2.431   0.420   5.008   1.00 17.49 ? 14  DT  B N3    1 
ATOM   282 C C4    . DT  B 1 4  ? 1.082   0.241   4.723   1.00 16.38 ? 14  DT  B C4    1 
ATOM   283 O O4    . DT  B 1 4  ? 0.731   -0.502  3.800   1.00 15.67 ? 14  DT  B O4    1 
ATOM   284 C C5    . DT  B 1 4  ? 0.174   0.997   5.564   1.00 17.42 ? 14  DT  B C5    1 
ATOM   285 C C7    . DT  B 1 4  ? -1.299  0.858   5.336   1.00 19.68 ? 14  DT  B C7    1 
ATOM   286 C C6    . DT  B 1 4  ? 0.689   1.788   6.511   1.00 17.78 ? 14  DT  B C6    1 
ATOM   287 P P     . DA  B 1 5  ? 1.676   7.137   5.740   1.00 25.34 ? 15  DA  B P     1 
ATOM   288 O OP1   . DA  B 1 5  ? 1.704   8.606   6.037   1.00 30.01 ? 15  DA  B OP1   1 
ATOM   289 O OP2   . DA  B 1 5  ? 0.520   6.554   5.025   1.00 24.02 ? 15  DA  B OP2   1 
ATOM   290 O "O5'" . DA  B 1 5  ? 2.994   6.762   4.926   1.00 23.66 ? 15  DA  B "O5'" 1 
ATOM   291 C "C5'" . DA  B 1 5  ? 4.284   6.836   5.565   1.00 24.56 ? 15  DA  B "C5'" 1 
ATOM   292 C "C4'" . DA  B 1 5  ? 5.328   6.142   4.721   1.00 20.88 ? 15  DA  B "C4'" 1 
ATOM   293 O "O4'" . DA  B 1 5  ? 5.199   4.716   4.831   1.00 22.80 ? 15  DA  B "O4'" 1 
ATOM   294 C "C3'" . DA  B 1 5  ? 5.274   6.428   3.229   1.00 22.30 ? 15  DA  B "C3'" 1 
ATOM   295 O "O3'" . DA  B 1 5  ? 5.957   7.635   2.910   1.00 22.61 ? 15  DA  B "O3'" 1 
ATOM   296 C "C2'" . DA  B 1 5  ? 5.983   5.227   2.640   1.00 19.87 ? 15  DA  B "C2'" 1 
ATOM   297 C "C1'" . DA  B 1 5  ? 5.548   4.116   3.596   1.00 21.05 ? 15  DA  B "C1'" 1 
ATOM   298 N N9    . DA  B 1 5  ? 4.366   3.426   3.106   1.00 19.05 ? 15  DA  B N9    1 
ATOM   299 C C8    . DA  B 1 5  ? 3.053   3.581   3.465   1.00 18.33 ? 15  DA  B C8    1 
ATOM   300 N N7    . DA  B 1 5  ? 2.234   2.776   2.820   1.00 16.47 ? 15  DA  B N7    1 
ATOM   301 C C5    . DA  B 1 5  ? 3.075   2.040   1.997   1.00 16.34 ? 15  DA  B C5    1 
ATOM   302 C C6    . DA  B 1 5  ? 2.836   1.001   1.084   1.00 16.59 ? 15  DA  B C6    1 
ATOM   303 N N6    . DA  B 1 5  ? 1.631   0.461   0.887   1.00 16.83 ? 15  DA  B N6    1 
ATOM   304 N N1    . DA  B 1 5  ? 3.886   0.518   0.394   1.00 18.34 ? 15  DA  B N1    1 
ATOM   305 C C2    . DA  B 1 5  ? 5.109   1.016   0.642   1.00 15.24 ? 15  DA  B C2    1 
ATOM   306 N N3    . DA  B 1 5  ? 5.473   1.966   1.501   1.00 18.38 ? 15  DA  B N3    1 
ATOM   307 C C4    . DA  B 1 5  ? 4.390   2.442   2.153   1.00 18.39 ? 15  DA  B C4    1 
HETATM 308 P P     . 2GT B 1 6  ? 5.577   8.425   1.583   1.00 22.84 ? 16  2GT B P     1 
HETATM 309 O OP1   . 2GT B 1 6  ? 6.229   9.768   1.696   1.00 27.64 ? 16  2GT B OP1   1 
HETATM 310 O OP2   . 2GT B 1 6  ? 4.129   8.365   1.305   1.00 24.01 ? 16  2GT B OP2   1 
HETATM 311 O "O5'" . 2GT B 1 6  ? 6.291   7.630   0.415   1.00 23.13 ? 16  2GT B "O5'" 1 
HETATM 312 C "C5'" . 2GT B 1 6  ? 7.713   7.551   0.320   1.00 21.44 ? 16  2GT B "C5'" 1 
HETATM 313 C "C4'" . 2GT B 1 6  ? 8.093   6.626   -0.808  1.00 22.29 ? 16  2GT B "C4'" 1 
HETATM 314 O "O4'" . 2GT B 1 6  ? 7.694   5.261   -0.485  1.00 20.93 ? 16  2GT B "O4'" 1 
HETATM 315 C "C1'" . 2GT B 1 6  ? 7.345   4.575   -1.674  1.00 21.26 ? 16  2GT B "C1'" 1 
HETATM 316 N N1    . 2GT B 1 6  ? 5.927   4.160   -1.578  1.00 19.41 ? 16  2GT B N1    1 
HETATM 317 C C6    . 2GT B 1 6  ? 5.016   4.855   -0.814  1.00 20.50 ? 16  2GT B C6    1 
HETATM 318 C C2    . 2GT B 1 6  ? 5.562   3.054   -2.301  1.00 19.57 ? 16  2GT B C2    1 
HETATM 319 O O2    . 2GT B 1 6  ? 6.341   2.426   -3.016  1.00 20.65 ? 16  2GT B O2    1 
HETATM 320 N N3    . 2GT B 1 6  ? 4.249   2.710   -2.177  1.00 16.06 ? 16  2GT B N3    1 
HETATM 321 C C4    . 2GT B 1 6  ? 3.274   3.356   -1.423  1.00 19.15 ? 16  2GT B C4    1 
HETATM 322 O O4    . 2GT B 1 6  ? 2.130   2.942   -1.408  1.00 18.72 ? 16  2GT B O4    1 
HETATM 323 C C5    . 2GT B 1 6  ? 3.726   4.513   -0.692  1.00 22.22 ? 16  2GT B C5    1 
HETATM 324 C C5M   . 2GT B 1 6  ? 2.750   5.263   0.169   1.00 22.92 ? 16  2GT B C5M   1 
HETATM 325 C "C2'" . 2GT B 1 6  ? 7.560   5.550   -2.834  1.00 23.96 ? 16  2GT B "C2'" 1 
HETATM 326 O "O2'" . 2GT B 1 6  ? 8.926   5.420   -3.188  1.00 26.05 ? 16  2GT B "O2'" 1 
HETATM 327 C "CB'" . 2GT B 1 6  ? 9.177   4.385   -4.133  1.00 30.69 ? 16  2GT B "CB'" 1 
HETATM 328 C "CC'" . 2GT B 1 6  ? 10.611  4.397   -4.471  1.00 36.35 ? 16  2GT B "CC'" 1 
HETATM 329 C "CD'" . 2GT B 1 6  ? 11.795  4.403   -4.732  1.00 41.81 ? 16  2GT B "CD'" 1 
HETATM 330 C "C3'" . 2GT B 1 6  ? 7.392   6.880   -2.131  1.00 23.26 ? 16  2GT B "C3'" 1 
HETATM 331 O "O3'" . 2GT B 1 6  ? 7.926   7.941   -2.893  1.00 26.59 ? 16  2GT B "O3'" 1 
ATOM   332 P P     . DA  B 1 7  ? 6.958   8.776   -3.843  1.00 24.47 ? 17  DA  B P     1 
ATOM   333 O OP1   . DA  B 1 7  ? 7.758   9.951   -4.346  1.00 28.15 ? 17  DA  B OP1   1 
ATOM   334 O OP2   . DA  B 1 7  ? 5.661   9.010   -3.215  1.00 26.28 ? 17  DA  B OP2   1 
ATOM   335 O "O5'" . DA  B 1 7  ? 6.709   7.818   -5.105  1.00 22.99 ? 17  DA  B "O5'" 1 
ATOM   336 C "C5'" . DA  B 1 7  ? 7.791   7.420   -5.957  1.00 22.63 ? 17  DA  B "C5'" 1 
ATOM   337 C "C4'" . DA  B 1 7  ? 7.305   6.478   -7.037  1.00 24.45 ? 17  DA  B "C4'" 1 
ATOM   338 O "O4'" . DA  B 1 7  ? 6.987   5.203   -6.454  1.00 25.50 ? 17  DA  B "O4'" 1 
ATOM   339 C "C3'" . DA  B 1 7  ? 6.043   6.873   -7.790  1.00 25.28 ? 17  DA  B "C3'" 1 
ATOM   340 O "O3'" . DA  B 1 7  ? 6.296   7.788   -8.852  1.00 26.64 ? 17  DA  B "O3'" 1 
ATOM   341 C "C2'" . DA  B 1 7  ? 5.560   5.537   -8.326  1.00 24.64 ? 17  DA  B "C2'" 1 
ATOM   342 C "C1'" . DA  B 1 7  ? 5.932   4.586   -7.197  1.00 25.80 ? 17  DA  B "C1'" 1 
ATOM   343 N N9    . DA  B 1 7  ? 4.812   4.388   -6.288  1.00 22.31 ? 17  DA  B N9    1 
ATOM   344 C C8    . DA  B 1 7  ? 4.491   5.089   -5.152  1.00 21.80 ? 17  DA  B C8    1 
ATOM   345 N N7    . DA  B 1 7  ? 3.370   4.714   -4.600  1.00 21.02 ? 17  DA  B N7    1 
ATOM   346 C C5    . DA  B 1 7  ? 2.928   3.679   -5.414  1.00 19.66 ? 17  DA  B C5    1 
ATOM   347 C C6    . DA  B 1 7  ? 1.783   2.886   -5.377  1.00 17.88 ? 17  DA  B C6    1 
ATOM   348 N N6    . DA  B 1 7  ? 0.847   2.998   -4.439  1.00 14.51 ? 17  DA  B N6    1 
ATOM   349 N N1    . DA  B 1 7  ? 1.634   1.964   -6.353  1.00 16.45 ? 17  DA  B N1    1 
ATOM   350 C C2    . DA  B 1 7  ? 2.572   1.853   -7.286  1.00 17.05 ? 17  DA  B C2    1 
ATOM   351 N N3    . DA  B 1 7  ? 3.702   2.547   -7.427  1.00 19.82 ? 17  DA  B N3    1 
ATOM   352 C C4    . DA  B 1 7  ? 3.811   3.456   -6.447  1.00 20.08 ? 17  DA  B C4    1 
ATOM   353 P P     . DC  B 1 8  ? 5.145   8.810   -9.285  1.00 27.01 ? 18  DC  B P     1 
ATOM   354 O OP1   . DC  B 1 8  ? 5.732   9.667   -10.342 1.00 30.48 ? 18  DC  B OP1   1 
ATOM   355 O OP2   . DC  B 1 8  ? 4.491   9.428   -8.111  1.00 27.27 ? 18  DC  B OP2   1 
ATOM   356 O "O5'" . DC  B 1 8  ? 4.053   7.881   -10.000 1.00 24.85 ? 18  DC  B "O5'" 1 
ATOM   357 C "C5'" . DC  B 1 8  ? 4.421   7.043   -11.088 1.00 20.33 ? 18  DC  B "C5'" 1 
ATOM   358 C "C4'" . DC  B 1 8  ? 3.299   6.075   -11.398 1.00 21.62 ? 18  DC  B "C4'" 1 
ATOM   359 O "O4'" . DC  B 1 8  ? 3.145   5.186   -10.276 1.00 22.31 ? 18  DC  B "O4'" 1 
ATOM   360 C "C3'" . DC  B 1 8  ? 1.913   6.679   -11.594 1.00 22.70 ? 18  DC  B "C3'" 1 
ATOM   361 O "O3'" . DC  B 1 8  ? 1.682   7.156   -12.926 1.00 27.00 ? 18  DC  B "O3'" 1 
ATOM   362 C "C2'" . DC  B 1 8  ? 1.020   5.491   -11.304 1.00 18.44 ? 18  DC  B "C2'" 1 
ATOM   363 C "C1'" . DC  B 1 8  ? 1.780   4.763   -10.208 1.00 17.06 ? 18  DC  B "C1'" 1 
ATOM   364 N N1    . DC  B 1 8  ? 1.241   5.098   -8.890  1.00 17.16 ? 18  DC  B N1    1 
ATOM   365 C C2    . DC  B 1 8  ? 0.219   4.320   -8.412  1.00 18.94 ? 18  DC  B C2    1 
ATOM   366 O O2    . DC  B 1 8  ? -0.178  3.388   -9.128  1.00 18.90 ? 18  DC  B O2    1 
ATOM   367 N N3    . DC  B 1 8  ? -0.320  4.595   -7.200  1.00 21.56 ? 18  DC  B N3    1 
ATOM   368 C C4    . DC  B 1 8  ? 0.141   5.630   -6.488  1.00 18.77 ? 18  DC  B C4    1 
ATOM   369 N N4    . DC  B 1 8  ? -0.410  5.866   -5.302  1.00 22.94 ? 18  DC  B N4    1 
ATOM   370 C C5    . DC  B 1 8  ? 1.187   6.462   -6.969  1.00 20.26 ? 18  DC  B C5    1 
ATOM   371 C C6    . DC  B 1 8  ? 1.708   6.161   -8.156  1.00 17.71 ? 18  DC  B C6    1 
ATOM   372 P P     . DG  B 1 9  ? 0.440   8.137   -13.205 1.00 28.39 ? 19  DG  B P     1 
ATOM   373 O OP1   . DG  B 1 9  ? 0.511   8.537   -14.631 1.00 33.19 ? 19  DG  B OP1   1 
ATOM   374 O OP2   . DG  B 1 9  ? 0.324   9.148   -12.164 1.00 30.52 ? 19  DG  B OP2   1 
ATOM   375 O "O5'" . DG  B 1 9  ? -0.857  7.221   -12.987 1.00 27.74 ? 19  DG  B "O5'" 1 
ATOM   376 C "C5'" . DG  B 1 9  ? -1.256  6.273   -13.962 1.00 24.44 ? 19  DG  B "C5'" 1 
ATOM   377 C "C4'" . DG  B 1 9  ? -2.396  5.424   -13.438 1.00 21.83 ? 19  DG  B "C4'" 1 
ATOM   378 O "O4'" . DG  B 1 9  ? -2.084  4.956   -12.111 1.00 18.46 ? 19  DG  B "O4'" 1 
ATOM   379 C "C3'" . DG  B 1 9  ? -3.782  6.046   -13.289 1.00 19.19 ? 19  DG  B "C3'" 1 
ATOM   380 O "O3'" . DG  B 1 9  ? -4.499  6.040   -14.530 1.00 20.32 ? 19  DG  B "O3'" 1 
ATOM   381 C "C2'" . DG  B 1 9  ? -4.444  5.080   -12.324 1.00 16.56 ? 19  DG  B "C2'" 1 
ATOM   382 C "C1'" . DG  B 1 9  ? -3.295  4.683   -11.409 1.00 18.43 ? 19  DG  B "C1'" 1 
ATOM   383 N N9    . DG  B 1 9  ? -3.292  5.427   -10.152 1.00 15.30 ? 19  DG  B N9    1 
ATOM   384 C C8    . DG  B 1 9  ? -2.379  6.356   -9.700  1.00 17.60 ? 19  DG  B C8    1 
ATOM   385 N N7    . DG  B 1 9  ? -2.630  6.753   -8.479  1.00 18.16 ? 19  DG  B N7    1 
ATOM   386 C C5    . DG  B 1 9  ? -3.785  6.066   -8.120  1.00 17.17 ? 19  DG  B C5    1 
ATOM   387 C C6    . DG  B 1 9  ? -4.553  6.084   -6.912  1.00 17.09 ? 19  DG  B C6    1 
ATOM   388 O O6    . DG  B 1 9  ? -4.315  6.666   -5.844  1.00 18.55 ? 19  DG  B O6    1 
ATOM   389 N N1    . DG  B 1 9  ? -5.692  5.303   -7.018  1.00 17.00 ? 19  DG  B N1    1 
ATOM   390 C C2    . DG  B 1 9  ? -6.049  4.570   -8.122  1.00 18.80 ? 19  DG  B C2    1 
ATOM   391 N N2    . DG  B 1 9  ? -7.200  3.897   -8.045  1.00 18.16 ? 19  DG  B N2    1 
ATOM   392 N N3    . DG  B 1 9  ? -5.328  4.510   -9.220  1.00 15.68 ? 19  DG  B N3    1 
ATOM   393 C C4    . DG  B 1 9  ? -4.219  5.276   -9.151  1.00 15.64 ? 19  DG  B C4    1 
ATOM   394 P P     . DC  B 1 10 ? -5.695  7.082   -14.774 1.00 18.82 ? 20  DC  B P     1 
ATOM   395 O OP1   . DC  B 1 10 ? -6.027  6.901   -16.191 1.00 19.79 ? 20  DC  B OP1   1 
ATOM   396 O OP2   . DC  B 1 10 ? -5.328  8.411   -14.282 1.00 19.05 ? 20  DC  B OP2   1 
ATOM   397 O "O5'" . DC  B 1 10 ? -6.900  6.589   -13.858 1.00 19.47 ? 20  DC  B "O5'" 1 
ATOM   398 C "C5'" . DC  B 1 10 ? -7.635  5.417   -14.166 1.00 17.74 ? 20  DC  B "C5'" 1 
ATOM   399 C "C4'" . DC  B 1 10 ? -8.748  5.242   -13.162 1.00 16.84 ? 20  DC  B "C4'" 1 
ATOM   400 O "O4'" . DC  B 1 10 ? -8.161  5.085   -11.853 1.00 18.63 ? 20  DC  B "O4'" 1 
ATOM   401 C "C3'" . DC  B 1 10 ? -9.697  6.431   -13.008 1.00 16.69 ? 20  DC  B "C3'" 1 
ATOM   402 O "O3'" . DC  B 1 10 ? -10.801 6.283   -13.906 1.00 21.13 ? 20  DC  B "O3'" 1 
ATOM   403 C "C2'" . DC  B 1 10 ? -10.203 6.274   -11.581 1.00 16.22 ? 20  DC  B "C2'" 1 
ATOM   404 C "C1'" . DC  B 1 10 ? -9.030  5.624   -10.860 1.00 16.97 ? 20  DC  B "C1'" 1 
ATOM   405 N N1    . DC  B 1 10 ? -8.248  6.559   -10.033 1.00 15.75 ? 20  DC  B N1    1 
ATOM   406 C C2    . DC  B 1 10 ? -8.674  6.811   -8.747  1.00 14.23 ? 20  DC  B C2    1 
ATOM   407 O O2    . DC  B 1 10 ? -9.737  6.313   -8.368  1.00 17.18 ? 20  DC  B O2    1 
ATOM   408 N N3    . DC  B 1 10 ? -7.931  7.603   -7.938  1.00 15.43 ? 20  DC  B N3    1 
ATOM   409 C C4    . DC  B 1 10 ? -6.792  8.143   -8.398  1.00 15.87 ? 20  DC  B C4    1 
ATOM   410 N N4    . DC  B 1 10 ? -6.032  8.864   -7.535  1.00 16.70 ? 20  DC  B N4    1 
ATOM   411 C C5    . DC  B 1 10 ? -6.364  7.960   -9.746  1.00 15.89 ? 20  DC  B C5    1 
ATOM   412 C C6    . DC  B 1 10 ? -7.118  7.151   -10.523 1.00 16.30 ? 20  DC  B C6    1 
HETATM 413 O O     . HOH C 2 .  ? -2.702  -4.704  -5.303  1.00 19.23 ? 101 HOH A O     1 
HETATM 414 O O     . HOH C 2 .  ? 1.454   -1.855  13.610  1.00 21.42 ? 102 HOH A O     1 
HETATM 415 O O     . HOH C 2 .  ? 0.319   -9.711  -9.086  1.00 31.31 ? 104 HOH A O     1 
HETATM 416 O O     . HOH C 2 .  ? 4.342   -7.853  18.433  1.00 19.06 ? 105 HOH A O     1 
HETATM 417 O O     . HOH C 2 .  ? -7.512  0.587   -1.416  1.00 27.13 ? 106 HOH A O     1 
HETATM 418 O O     . HOH C 2 .  ? -12.562 -3.245  -4.916  1.00 35.73 ? 107 HOH A O     1 
HETATM 419 O O     . HOH C 2 .  ? 3.347   -5.770  0.896   1.00 21.61 ? 108 HOH A O     1 
HETATM 420 O O     . HOH C 2 .  ? -11.036 2.812   -7.045  1.00 21.34 ? 109 HOH A O     1 
HETATM 421 O O     . HOH C 2 .  ? 3.881   -7.502  -1.356  1.00 23.77 ? 110 HOH A O     1 
HETATM 422 O O     . HOH C 2 .  ? -1.223  -2.485  -2.016  1.00 35.60 ? 112 HOH A O     1 
HETATM 423 O O     . HOH C 2 .  ? 9.474   -5.898  15.357  1.00 30.65 ? 113 HOH A O     1 
HETATM 424 O O     . HOH C 2 .  ? 3.287   -7.089  3.248   1.00 24.26 ? 114 HOH A O     1 
HETATM 425 O O     . HOH C 2 .  ? 10.739  -6.960  13.753  1.00 34.09 ? 115 HOH A O     1 
HETATM 426 O O     . HOH C 2 .  ? -5.992  -3.537  -2.541  1.00 26.56 ? 118 HOH A O     1 
HETATM 427 O O     . HOH C 2 .  ? 6.600   -8.206  5.822   1.00 25.38 ? 119 HOH A O     1 
HETATM 428 O O     . HOH C 2 .  ? 4.177   -7.339  7.157   1.00 24.89 ? 120 HOH A O     1 
HETATM 429 O O     . HOH C 2 .  ? 1.561   -7.519  5.923   1.00 31.15 ? 127 HOH A O     1 
HETATM 430 O O     . HOH C 2 .  ? -2.084  1.050   -1.835  1.00 41.51 ? 128 HOH A O     1 
HETATM 431 O O     . HOH C 2 .  ? 6.819   -4.187  17.619  1.00 36.05 ? 129 HOH A O     1 
HETATM 432 O O     . HOH C 2 .  ? 8.498   -0.336  -0.620  1.00 22.73 ? 130 HOH A O     1 
HETATM 433 O O     . HOH C 2 .  ? 5.709   -1.651  -7.398  1.00 20.46 ? 132 HOH A O     1 
HETATM 434 O O     . HOH C 2 .  ? 3.711   -9.097  9.014   1.00 27.51 ? 133 HOH A O     1 
HETATM 435 O O     . HOH C 2 .  ? -5.265  -0.785  -1.664  1.00 34.39 ? 134 HOH A O     1 
HETATM 436 O O     . HOH C 2 .  ? -1.860  -8.892  -5.346  1.00 30.03 ? 136 HOH A O     1 
HETATM 437 O O     . HOH C 2 .  ? -6.937  2.512   0.520   1.00 26.93 ? 138 HOH A O     1 
HETATM 438 O O     . HOH C 2 .  ? 5.667   -8.036  11.114  1.00 24.38 ? 139 HOH A O     1 
HETATM 439 O O     . HOH C 2 .  ? 0.920   -4.804  1.608   1.00 24.81 ? 142 HOH A O     1 
HETATM 440 O O     . HOH C 2 .  ? 2.587   -1.744  16.413  1.00 24.70 ? 145 HOH A O     1 
HETATM 441 O O     . HOH C 2 .  ? 6.261   -7.764  2.201   1.00 29.82 ? 146 HOH A O     1 
HETATM 442 O O     . HOH C 2 .  ? -7.231  5.736   1.600   1.00 33.95 ? 148 HOH A O     1 
HETATM 443 O O     . HOH C 2 .  ? -4.577  3.251   -1.264  1.00 31.46 ? 149 HOH A O     1 
HETATM 444 O O     . HOH C 2 .  ? 10.665  -5.619  -4.511  0.50 30.63 ? 150 HOH A O     1 
HETATM 445 O O     . HOH C 2 .  ? -0.810  -3.011  0.429   1.00 26.10 ? 151 HOH A O     1 
HETATM 446 O O     . HOH C 2 .  ? -11.612 4.256   4.849   0.50 34.59 ? 152 HOH A O     1 
HETATM 447 O O     . HOH C 2 .  ? 9.566   -4.371  -7.080  1.00 43.43 ? 153 HOH A O     1 
HETATM 448 O O     . HOH C 2 .  ? 12.091  -9.595  2.489   1.00 40.66 ? 154 HOH A O     1 
HETATM 449 O O     . HOH C 2 .  ? -1.639  -5.335  -3.108  1.00 39.00 ? 156 HOH A O     1 
HETATM 450 O O     . HOH C 2 .  ? -0.069  -7.663  -3.810  1.00 38.48 ? 157 HOH A O     1 
HETATM 451 O O     . HOH C 2 .  ? 6.157   -10.405 -4.238  1.00 40.99 ? 158 HOH A O     1 
HETATM 452 O O     . HOH C 2 .  ? 7.834   -1.228  -5.759  1.00 32.43 ? 159 HOH A O     1 
HETATM 453 O O     . HOH C 2 .  ? 7.070   -4.186  -8.360  1.00 30.14 ? 160 HOH A O     1 
HETATM 454 O O     . HOH C 2 .  ? -2.764  6.412   -2.641  1.00 35.01 ? 162 HOH A O     1 
HETATM 455 O O     . HOH C 2 .  ? -10.316 0.363   -7.995  1.00 34.01 ? 163 HOH A O     1 
HETATM 456 O O     . HOH C 2 .  ? -6.817  -8.853  -12.894 1.00 28.08 ? 165 HOH A O     1 
HETATM 457 O O     A HOH C 2 .  ? 3.107   -11.676 8.572   0.40 23.62 ? 170 HOH A O     1 
HETATM 458 O O     B HOH C 2 .  ? 1.287   -12.065 7.793   0.60 34.89 ? 170 HOH A O     1 
HETATM 459 O O     . HOH C 2 .  ? -4.871  6.430   -0.442  1.00 39.43 ? 171 HOH A O     1 
HETATM 460 O O     . HOH C 2 .  ? 12.773  -4.576  -1.266  1.00 36.77 ? 174 HOH A O     1 
HETATM 461 O O     . HOH C 2 .  ? 14.020  -6.168  0.845   1.00 44.68 ? 175 HOH A O     1 
HETATM 462 O O     . HOH C 2 .  ? 6.043   -6.857  -8.948  1.00 35.48 ? 176 HOH A O     1 
HETATM 463 O O     A HOH C 2 .  ? 10.619  -9.527  6.788   0.50 30.69 ? 183 HOH A O     1 
HETATM 464 O O     B HOH C 2 .  ? 12.344  -10.665 6.524   0.50 35.68 ? 183 HOH A O     1 
HETATM 465 O O     . HOH C 2 .  ? -2.318  4.290   -1.743  1.00 38.48 ? 185 HOH A O     1 
HETATM 466 O O     . HOH C 2 .  ? 8.199   -8.835  7.625   0.50 28.03 ? 187 HOH A O     1 
HETATM 467 O O     . HOH C 2 .  ? -5.252  -7.768  -4.188  0.50 36.44 ? 188 HOH A O     1 
HETATM 468 O O     . HOH C 2 .  ? -4.781  -6.802  -1.189  1.00 44.59 ? 189 HOH A O     1 
HETATM 469 O O     . HOH C 2 .  ? 8.977   -3.795  16.584  1.00 38.81 ? 190 HOH A O     1 
HETATM 470 O O     . HOH C 2 .  ? -1.215  -12.199 -11.084 1.00 45.05 ? 191 HOH A O     1 
HETATM 471 O O     . HOH C 2 .  ? -9.929  -0.931  1.655   1.00 41.93 ? 192 HOH A O     1 
HETATM 472 O O     . HOH C 2 .  ? -8.370  -3.984  -1.079  1.00 41.34 ? 193 HOH A O     1 
HETATM 473 O O     . HOH C 2 .  ? -8.912  -5.624  -3.095  1.00 41.85 ? 194 HOH A O     1 
HETATM 474 O O     A HOH C 2 .  ? -5.900  -8.139  -8.322  0.50 28.69 ? 195 HOH A O     1 
HETATM 475 O O     B HOH C 2 .  ? -7.084  -8.265  -10.257 0.50 34.12 ? 195 HOH A O     1 
HETATM 476 O O     . HOH C 2 .  ? -3.781  -7.873  -11.414 1.00 35.96 ? 196 HOH A O     1 
HETATM 477 O O     A HOH C 2 .  ? -9.282  -2.932  -8.857  0.50 35.72 ? 197 HOH A O     1 
HETATM 478 O O     B HOH C 2 .  ? -10.892 -1.784  -8.761  0.50 21.24 ? 197 HOH A O     1 
HETATM 479 O O     . HOH C 2 .  ? -5.770  -2.497  1.329   1.00 42.84 ? 201 HOH A O     1 
HETATM 480 O O     . HOH C 2 .  ? 2.163   -9.408  0.154   0.50 29.86 ? 202 HOH A O     1 
HETATM 481 O O     . HOH C 2 .  ? 6.737   -11.515 8.573   1.00 36.54 ? 204 HOH A O     1 
HETATM 482 O O     A HOH C 2 .  ? 10.382  -1.702  -6.907  0.50 27.05 ? 205 HOH A O     1 
HETATM 483 O O     B HOH C 2 .  ? 11.271  -1.212  -8.716  0.50 41.07 ? 205 HOH A O     1 
HETATM 484 O O     . HOH C 2 .  ? 13.700  -6.156  7.766   1.00 43.43 ? 206 HOH A O     1 
HETATM 485 O O     . HOH C 2 .  ? -13.536 6.180   4.406   0.50 34.75 ? 207 HOH A O     1 
HETATM 486 O O     . HOH C 2 .  ? 12.678  -6.154  10.351  0.50 20.43 ? 208 HOH A O     1 
HETATM 487 O O     . HOH C 2 .  ? -2.874  -10.308 -7.606  0.50 30.42 ? 210 HOH A O     1 
HETATM 488 O O     . HOH C 2 .  ? 14.574  -5.749  3.572   0.50 33.06 ? 213 HOH A O     1 
HETATM 489 O O     . HOH C 2 .  ? -7.978  -2.076  1.896   0.50 31.32 ? 214 HOH A O     1 
HETATM 490 O O     . HOH C 2 .  ? 1.560   0.625   17.110  0.50 30.91 ? 215 HOH A O     1 
HETATM 491 O O     . HOH C 2 .  ? -0.599  5.977   -1.803  0.50 33.58 ? 217 HOH A O     1 
HETATM 492 O O     . HOH C 2 .  ? -15.565 4.143   5.968   0.50 30.76 ? 219 HOH A O     1 
HETATM 493 O O     . HOH D 2 .  ? -11.793 4.748   -8.960  1.00 19.43 ? 103 HOH B O     1 
HETATM 494 O O     . HOH D 2 .  ? -3.868  10.483  -8.342  1.00 31.36 ? 111 HOH B O     1 
HETATM 495 O O     . HOH D 2 .  ? 11.074  7.379   -3.170  1.00 33.03 ? 116 HOH B O     1 
HETATM 496 O O     . HOH D 2 .  ? 5.962   0.948   -8.571  1.00 29.84 ? 117 HOH B O     1 
HETATM 497 O O     . HOH D 2 .  ? 3.550   8.332   -1.707  1.00 29.68 ? 121 HOH B O     1 
HETATM 498 O O     . HOH D 2 .  ? -1.493  8.918   -7.249  1.00 24.96 ? 122 HOH B O     1 
HETATM 499 O O     . HOH D 2 .  ? -0.549  3.245   2.548   1.00 34.10 ? 123 HOH B O     1 
HETATM 500 O O     . HOH D 2 .  ? -4.940  2.210   5.420   1.00 39.91 ? 124 HOH B O     1 
HETATM 501 O O     . HOH D 2 .  ? 8.208   1.606   1.352   1.00 31.41 ? 125 HOH B O     1 
HETATM 502 O O     . HOH D 2 .  ? -1.389  -1.518  2.721   1.00 27.08 ? 126 HOH B O     1 
HETATM 503 O O     . HOH D 2 .  ? -3.072  -2.947  4.675   1.00 25.71 ? 131 HOH B O     1 
HETATM 504 O O     . HOH D 2 .  ? -1.396  4.591   4.518   1.00 32.98 ? 135 HOH B O     1 
HETATM 505 O O     . HOH D 2 .  ? -5.728  -2.104  5.076   1.00 33.42 ? 137 HOH B O     1 
HETATM 506 O O     . HOH D 2 .  ? -0.328  -5.356  4.005   1.00 32.01 ? 140 HOH B O     1 
HETATM 507 O O     . HOH D 2 .  ? -10.010 6.597   -16.522 1.00 27.41 ? 141 HOH B O     1 
HETATM 508 O O     . HOH D 2 .  ? 1.763   10.785  -15.376 1.00 36.18 ? 143 HOH B O     1 
HETATM 509 O O     A HOH D 2 .  ? 2.732   10.491  4.383   0.60 36.75 ? 144 HOH B O     1 
HETATM 510 O O     B HOH D 2 .  ? 4.930   11.151  4.191   0.40 29.44 ? 144 HOH B O     1 
HETATM 511 O O     . HOH D 2 .  ? 6.883   11.712  -6.498  0.50 34.03 ? 147 HOH B O     1 
HETATM 512 O O     . HOH D 2 .  ? -0.343  3.577   -0.611  1.00 31.95 ? 155 HOH B O     1 
HETATM 513 O O     . HOH D 2 .  ? 3.509   8.950   -5.417  1.00 36.60 ? 161 HOH B O     1 
HETATM 514 O O     . HOH D 2 .  ? -2.745  8.897   -4.766  1.00 39.92 ? 164 HOH B O     1 
HETATM 515 O O     . HOH D 2 .  ? 13.338  6.563   -2.556  0.50 21.76 ? 166 HOH B O     1 
HETATM 516 O O     . HOH D 2 .  ? -0.081  -9.657  5.747   0.50 33.07 ? 167 HOH B O     1 
HETATM 517 O O     . HOH D 2 .  ? 9.309   1.470   -2.503  1.00 38.58 ? 168 HOH B O     1 
HETATM 518 O O     . HOH D 2 .  ? -2.789  -5.521  3.766   1.00 41.90 ? 169 HOH B O     1 
HETATM 519 O O     . HOH D 2 .  ? 1.692   11.137  -11.048 1.00 34.22 ? 172 HOH B O     1 
HETATM 520 O O     . HOH D 2 .  ? -9.286  -0.306  5.476   1.00 40.58 ? 173 HOH B O     1 
HETATM 521 O O     . HOH D 2 .  ? 4.391   3.343   10.081  1.00 26.63 ? 177 HOH B O     1 
HETATM 522 O O     . HOH D 2 .  ? 1.930   6.711   -3.019  1.00 23.51 ? 178 HOH B O     1 
HETATM 523 O O     . HOH D 2 .  ? 6.894   11.804  -0.071  1.00 41.69 ? 179 HOH B O     1 
HETATM 524 O O     . HOH D 2 .  ? 1.599   9.168   1.635   0.50 31.25 ? 180 HOH B O     1 
HETATM 525 O O     . HOH D 2 .  ? -3.676  9.439   -11.289 1.00 34.42 ? 181 HOH B O     1 
HETATM 526 O O     . HOH D 2 .  ? -7.150  8.948   -17.666 1.00 29.24 ? 182 HOH B O     1 
HETATM 527 O O     . HOH D 2 .  ? 9.646   2.234   -6.545  0.50 31.21 ? 184 HOH B O     1 
HETATM 528 O O     . HOH D 2 .  ? -7.999  5.205   -17.712 0.50 21.58 ? 186 HOH B O     1 
HETATM 529 O O     . HOH D 2 .  ? -12.584 -5.146  6.592   1.00 43.27 ? 198 HOH B O     1 
HETATM 530 O O     . HOH D 2 .  ? -12.253 -7.035  8.397   0.50 25.90 ? 199 HOH B O     1 
HETATM 531 O O     . HOH D 2 .  ? -7.180  4.767   7.466   0.50 35.32 ? 200 HOH B O     1 
HETATM 532 O O     . HOH D 2 .  ? 7.363   1.371   -5.559  0.50 24.34 ? 203 HOH B O     1 
HETATM 533 O O     . HOH D 2 .  ? 0.971   0.196   11.951  0.50 27.24 ? 209 HOH B O     1 
HETATM 534 O O     . HOH D 2 .  ? 10.760  9.665   -1.233  0.50 32.26 ? 211 HOH B O     1 
HETATM 535 O O     . HOH D 2 .  ? 1.376   10.159  -8.160  0.50 30.31 ? 212 HOH B O     1 
HETATM 536 O O     . HOH D 2 .  ? 0.071   -8.125  3.662   0.50 31.84 ? 216 HOH B O     1 
HETATM 537 O O     . HOH D 2 .  ? -1.631  0.798   1.280   0.50 28.51 ? 218 HOH B O     1 
# 
loop_
_pdbx_poly_seq_scheme.asym_id 
_pdbx_poly_seq_scheme.entity_id 
_pdbx_poly_seq_scheme.seq_id 
_pdbx_poly_seq_scheme.mon_id 
_pdbx_poly_seq_scheme.ndb_seq_num 
_pdbx_poly_seq_scheme.pdb_seq_num 
_pdbx_poly_seq_scheme.auth_seq_num 
_pdbx_poly_seq_scheme.pdb_mon_id 
_pdbx_poly_seq_scheme.auth_mon_id 
_pdbx_poly_seq_scheme.pdb_strand_id 
_pdbx_poly_seq_scheme.pdb_ins_code 
_pdbx_poly_seq_scheme.hetero 
A 1 1  DG  1  1  1  DG  G   A . n 
A 1 2  DC  2  2  2  DC  C   A . n 
A 1 3  DG  3  3  3  DG  G   A . n 
A 1 4  DT  4  4  4  DT  T   A . n 
A 1 5  DA  5  5  5  DA  A   A . n 
A 1 6  2GT 6  6  6  2GT PRG A . n 
A 1 7  DA  7  7  7  DA  A   A . n 
A 1 8  DC  8  8  8  DC  C   A . n 
A 1 9  DG  9  9  9  DG  G   A . n 
A 1 10 DC  10 10 10 DC  C   A . n 
B 1 1  DG  1  11 11 DG  G   B . n 
B 1 2  DC  2  12 12 DC  C   B . n 
B 1 3  DG  3  13 13 DG  G   B . n 
B 1 4  DT  4  14 14 DT  T   B . n 
B 1 5  DA  5  15 15 DA  A   B . n 
B 1 6  2GT 6  16 16 2GT PRG B . n 
B 1 7  DA  7  17 17 DA  A   B . n 
B 1 8  DC  8  18 18 DC  C   B . n 
B 1 9  DG  9  19 19 DG  G   B . n 
B 1 10 DC  10 20 20 DC  C   B . n 
# 
loop_
_pdbx_nonpoly_scheme.asym_id 
_pdbx_nonpoly_scheme.entity_id 
_pdbx_nonpoly_scheme.mon_id 
_pdbx_nonpoly_scheme.ndb_seq_num 
_pdbx_nonpoly_scheme.pdb_seq_num 
_pdbx_nonpoly_scheme.auth_seq_num 
_pdbx_nonpoly_scheme.pdb_mon_id 
_pdbx_nonpoly_scheme.auth_mon_id 
_pdbx_nonpoly_scheme.pdb_strand_id 
_pdbx_nonpoly_scheme.pdb_ins_code 
C 2 HOH 1  101 101 HOH HOH A . 
C 2 HOH 2  102 102 HOH HOH A . 
C 2 HOH 3  104 104 HOH HOH A . 
C 2 HOH 4  105 105 HOH HOH A . 
C 2 HOH 5  106 106 HOH HOH A . 
C 2 HOH 6  107 107 HOH HOH A . 
C 2 HOH 7  108 108 HOH HOH A . 
C 2 HOH 8  109 109 HOH HOH A . 
C 2 HOH 9  110 110 HOH HOH A . 
C 2 HOH 10 112 112 HOH HOH A . 
C 2 HOH 11 113 113 HOH HOH A . 
C 2 HOH 12 114 114 HOH HOH A . 
C 2 HOH 13 115 115 HOH HOH A . 
C 2 HOH 14 118 118 HOH HOH A . 
C 2 HOH 15 119 119 HOH HOH A . 
C 2 HOH 16 120 120 HOH HOH A . 
C 2 HOH 17 127 127 HOH HOH A . 
C 2 HOH 18 128 128 HOH HOH A . 
C 2 HOH 19 129 129 HOH HOH A . 
C 2 HOH 20 130 130 HOH HOH A . 
C 2 HOH 21 132 132 HOH HOH A . 
C 2 HOH 22 133 133 HOH HOH A . 
C 2 HOH 23 134 134 HOH HOH A . 
C 2 HOH 24 136 136 HOH HOH A . 
C 2 HOH 25 138 138 HOH HOH A . 
C 2 HOH 26 139 139 HOH HOH A . 
C 2 HOH 27 142 142 HOH HOH A . 
C 2 HOH 28 145 145 HOH HOH A . 
C 2 HOH 29 146 146 HOH HOH A . 
C 2 HOH 30 148 148 HOH HOH A . 
C 2 HOH 31 149 149 HOH HOH A . 
C 2 HOH 32 150 150 HOH HOH A . 
C 2 HOH 33 151 151 HOH HOH A . 
C 2 HOH 34 152 152 HOH HOH A . 
C 2 HOH 35 153 153 HOH HOH A . 
C 2 HOH 36 154 154 HOH HOH A . 
C 2 HOH 37 156 156 HOH HOH A . 
C 2 HOH 38 157 157 HOH HOH A . 
C 2 HOH 39 158 158 HOH HOH A . 
C 2 HOH 40 159 159 HOH HOH A . 
C 2 HOH 41 160 160 HOH HOH A . 
C 2 HOH 42 162 162 HOH HOH A . 
C 2 HOH 43 163 163 HOH HOH A . 
C 2 HOH 44 165 165 HOH HOH A . 
C 2 HOH 45 170 170 HOH HOH A . 
C 2 HOH 46 171 171 HOH HOH A . 
C 2 HOH 47 174 174 HOH HOH A . 
C 2 HOH 48 175 175 HOH HOH A . 
C 2 HOH 49 176 176 HOH HOH A . 
C 2 HOH 50 183 183 HOH HOH A . 
C 2 HOH 51 185 185 HOH HOH A . 
C 2 HOH 52 187 187 HOH HOH A . 
C 2 HOH 53 188 188 HOH HOH A . 
C 2 HOH 54 189 189 HOH HOH A . 
C 2 HOH 55 190 190 HOH HOH A . 
C 2 HOH 56 191 191 HOH HOH A . 
C 2 HOH 57 192 192 HOH HOH A . 
C 2 HOH 58 193 193 HOH HOH A . 
C 2 HOH 59 194 194 HOH HOH A . 
C 2 HOH 60 195 195 HOH HOH A . 
C 2 HOH 61 196 196 HOH HOH A . 
C 2 HOH 62 197 197 HOH HOH A . 
C 2 HOH 63 201 201 HOH HOH A . 
C 2 HOH 64 202 202 HOH HOH A . 
C 2 HOH 65 204 204 HOH HOH A . 
C 2 HOH 66 205 205 HOH HOH A . 
C 2 HOH 67 206 206 HOH HOH A . 
C 2 HOH 68 207 207 HOH HOH A . 
C 2 HOH 69 208 208 HOH HOH A . 
C 2 HOH 70 210 210 HOH HOH A . 
C 2 HOH 71 213 213 HOH HOH A . 
C 2 HOH 72 214 214 HOH HOH A . 
C 2 HOH 73 215 215 HOH HOH A . 
C 2 HOH 74 217 217 HOH HOH A . 
C 2 HOH 75 219 219 HOH HOH A . 
D 2 HOH 1  103 103 HOH HOH B . 
D 2 HOH 2  111 111 HOH HOH B . 
D 2 HOH 3  116 116 HOH HOH B . 
D 2 HOH 4  117 117 HOH HOH B . 
D 2 HOH 5  121 121 HOH HOH B . 
D 2 HOH 6  122 122 HOH HOH B . 
D 2 HOH 7  123 123 HOH HOH B . 
D 2 HOH 8  124 124 HOH HOH B . 
D 2 HOH 9  125 125 HOH HOH B . 
D 2 HOH 10 126 126 HOH HOH B . 
D 2 HOH 11 131 131 HOH HOH B . 
D 2 HOH 12 135 135 HOH HOH B . 
D 2 HOH 13 137 137 HOH HOH B . 
D 2 HOH 14 140 140 HOH HOH B . 
D 2 HOH 15 141 141 HOH HOH B . 
D 2 HOH 16 143 143 HOH HOH B . 
D 2 HOH 17 144 144 HOH HOH B . 
D 2 HOH 18 147 147 HOH HOH B . 
D 2 HOH 19 155 155 HOH HOH B . 
D 2 HOH 20 161 161 HOH HOH B . 
D 2 HOH 21 164 164 HOH HOH B . 
D 2 HOH 22 166 166 HOH HOH B . 
D 2 HOH 23 167 167 HOH HOH B . 
D 2 HOH 24 168 168 HOH HOH B . 
D 2 HOH 25 169 169 HOH HOH B . 
D 2 HOH 26 172 172 HOH HOH B . 
D 2 HOH 27 173 173 HOH HOH B . 
D 2 HOH 28 177 177 HOH HOH B . 
D 2 HOH 29 178 178 HOH HOH B . 
D 2 HOH 30 179 179 HOH HOH B . 
D 2 HOH 31 180 180 HOH HOH B . 
D 2 HOH 32 181 181 HOH HOH B . 
D 2 HOH 33 182 182 HOH HOH B . 
D 2 HOH 34 184 184 HOH HOH B . 
D 2 HOH 35 186 186 HOH HOH B . 
D 2 HOH 36 198 198 HOH HOH B . 
D 2 HOH 37 199 199 HOH HOH B . 
D 2 HOH 38 200 200 HOH HOH B . 
D 2 HOH 39 203 203 HOH HOH B . 
D 2 HOH 40 209 209 HOH HOH B . 
D 2 HOH 41 211 211 HOH HOH B . 
D 2 HOH 42 212 212 HOH HOH B . 
D 2 HOH 43 216 216 HOH HOH B . 
D 2 HOH 44 218 218 HOH HOH B . 
# 
loop_
_pdbx_struct_mod_residue.id 
_pdbx_struct_mod_residue.label_asym_id 
_pdbx_struct_mod_residue.label_comp_id 
_pdbx_struct_mod_residue.label_seq_id 
_pdbx_struct_mod_residue.auth_asym_id 
_pdbx_struct_mod_residue.auth_comp_id 
_pdbx_struct_mod_residue.auth_seq_id 
_pdbx_struct_mod_residue.PDB_ins_code 
_pdbx_struct_mod_residue.parent_comp_id 
_pdbx_struct_mod_residue.details 
1 A 2GT 6 A 2GT 6  ? DT ? 
2 B 2GT 6 B 2GT 16 ? DT ? 
# 
_pdbx_struct_assembly.id                   1 
_pdbx_struct_assembly.details              author_defined_assembly 
_pdbx_struct_assembly.method_details       ? 
_pdbx_struct_assembly.oligomeric_details   dimeric 
_pdbx_struct_assembly.oligomeric_count     2 
# 
_pdbx_struct_assembly_gen.assembly_id       1 
_pdbx_struct_assembly_gen.oper_expression   1 
_pdbx_struct_assembly_gen.asym_id_list      A,B,C,D 
# 
_pdbx_struct_oper_list.id                   1 
_pdbx_struct_oper_list.type                 'identity operation' 
_pdbx_struct_oper_list.name                 1_555 
_pdbx_struct_oper_list.symmetry_operation   x,y,z 
_pdbx_struct_oper_list.matrix[1][1]         1.0000000000 
_pdbx_struct_oper_list.matrix[1][2]         0.0000000000 
_pdbx_struct_oper_list.matrix[1][3]         0.0000000000 
_pdbx_struct_oper_list.vector[1]            0.0000000000 
_pdbx_struct_oper_list.matrix[2][1]         0.0000000000 
_pdbx_struct_oper_list.matrix[2][2]         1.0000000000 
_pdbx_struct_oper_list.matrix[2][3]         0.0000000000 
_pdbx_struct_oper_list.vector[2]            0.0000000000 
_pdbx_struct_oper_list.matrix[3][1]         0.0000000000 
_pdbx_struct_oper_list.matrix[3][2]         0.0000000000 
_pdbx_struct_oper_list.matrix[3][3]         1.0000000000 
_pdbx_struct_oper_list.vector[3]            0.0000000000 
# 
loop_
_pdbx_audit_revision_history.ordinal 
_pdbx_audit_revision_history.data_content_type 
_pdbx_audit_revision_history.major_revision 
_pdbx_audit_revision_history.minor_revision 
_pdbx_audit_revision_history.revision_date 
1 'Structure model' 1 0 2005-06-28 
2 'Structure model' 1 1 2008-04-30 
3 'Structure model' 1 2 2011-07-13 
4 'Structure model' 1 3 2023-08-23 
# 
_pdbx_audit_revision_details.ordinal             1 
_pdbx_audit_revision_details.revision_ordinal    1 
_pdbx_audit_revision_details.data_content_type   'Structure model' 
_pdbx_audit_revision_details.provider            repository 
_pdbx_audit_revision_details.type                'Initial release' 
_pdbx_audit_revision_details.description         ? 
_pdbx_audit_revision_details.details             ? 
# 
loop_
_pdbx_audit_revision_group.ordinal 
_pdbx_audit_revision_group.revision_ordinal 
_pdbx_audit_revision_group.data_content_type 
_pdbx_audit_revision_group.group 
1 2 'Structure model' 'Version format compliance' 
2 3 'Structure model' 'Version format compliance' 
3 4 'Structure model' 'Data collection'           
4 4 'Structure model' 'Database references'       
5 4 'Structure model' 'Derived calculations'      
6 4 'Structure model' 'Refinement description'    
# 
loop_
_pdbx_audit_revision_category.ordinal 
_pdbx_audit_revision_category.revision_ordinal 
_pdbx_audit_revision_category.data_content_type 
_pdbx_audit_revision_category.category 
1 4 'Structure model' chem_comp_atom                
2 4 'Structure model' chem_comp_bond                
3 4 'Structure model' database_2                    
4 4 'Structure model' pdbx_initial_refinement_model 
5 4 'Structure model' struct_conn                   
# 
loop_
_pdbx_audit_revision_item.ordinal 
_pdbx_audit_revision_item.revision_ordinal 
_pdbx_audit_revision_item.data_content_type 
_pdbx_audit_revision_item.item 
1 4 'Structure model' '_database_2.pdbx_DOI'                
2 4 'Structure model' '_database_2.pdbx_database_accession' 
3 4 'Structure model' '_struct_conn.pdbx_leaving_atom_flag' 
# 
loop_
_software.name 
_software.classification 
_software.version 
_software.citation_id 
_software.pdbx_ordinal 
DENZO     'data reduction' . ? 1 
SCALEPACK 'data scaling'   . ? 2 
AMoRE     phasing          . ? 3 
CNS       refinement       . ? 4 
# 
loop_
_chem_comp_atom.comp_id 
_chem_comp_atom.atom_id 
_chem_comp_atom.type_symbol 
_chem_comp_atom.pdbx_aromatic_flag 
_chem_comp_atom.pdbx_stereo_config 
_chem_comp_atom.pdbx_ordinal 
2GT P      P N N 1   
2GT OP1    O N N 2   
2GT OP2    O N N 3   
2GT "O5'"  O N N 4   
2GT "C5'"  C N N 5   
2GT "C4'"  C N R 6   
2GT "O4'"  O N N 7   
2GT "C1'"  C N R 8   
2GT N1     N N N 9   
2GT C6     C N N 10  
2GT C2     C N N 11  
2GT O2     O N N 12  
2GT N3     N N N 13  
2GT C4     C N N 14  
2GT O4     O N N 15  
2GT C5     C N N 16  
2GT C5M    C N N 17  
2GT "C2'"  C N R 18  
2GT "O2'"  O N N 19  
2GT "CB'"  C N N 20  
2GT "CC'"  C N N 21  
2GT "CD'"  C N N 22  
2GT "C3'"  C N R 23  
2GT "O3'"  O N N 24  
2GT OP3    O N N 25  
2GT HOP2   H N N 26  
2GT "H5'"  H N N 27  
2GT "H5''" H N N 28  
2GT "H4'"  H N N 29  
2GT "H1'"  H N N 30  
2GT H6     H N N 31  
2GT HN3    H N N 32  
2GT H71    H N N 33  
2GT H72    H N N 34  
2GT H73    H N N 35  
2GT "H2'"  H N N 36  
2GT "HB'1" H N N 37  
2GT "HB'2" H N N 38  
2GT "HD'"  H N N 39  
2GT "H3'"  H N N 40  
2GT "HO3'" H N N 41  
2GT HOP3   H N N 42  
DA  OP3    O N N 43  
DA  P      P N N 44  
DA  OP1    O N N 45  
DA  OP2    O N N 46  
DA  "O5'"  O N N 47  
DA  "C5'"  C N N 48  
DA  "C4'"  C N R 49  
DA  "O4'"  O N N 50  
DA  "C3'"  C N S 51  
DA  "O3'"  O N N 52  
DA  "C2'"  C N N 53  
DA  "C1'"  C N R 54  
DA  N9     N Y N 55  
DA  C8     C Y N 56  
DA  N7     N Y N 57  
DA  C5     C Y N 58  
DA  C6     C Y N 59  
DA  N6     N N N 60  
DA  N1     N Y N 61  
DA  C2     C Y N 62  
DA  N3     N Y N 63  
DA  C4     C Y N 64  
DA  HOP3   H N N 65  
DA  HOP2   H N N 66  
DA  "H5'"  H N N 67  
DA  "H5''" H N N 68  
DA  "H4'"  H N N 69  
DA  "H3'"  H N N 70  
DA  "HO3'" H N N 71  
DA  "H2'"  H N N 72  
DA  "H2''" H N N 73  
DA  "H1'"  H N N 74  
DA  H8     H N N 75  
DA  H61    H N N 76  
DA  H62    H N N 77  
DA  H2     H N N 78  
DC  OP3    O N N 79  
DC  P      P N N 80  
DC  OP1    O N N 81  
DC  OP2    O N N 82  
DC  "O5'"  O N N 83  
DC  "C5'"  C N N 84  
DC  "C4'"  C N R 85  
DC  "O4'"  O N N 86  
DC  "C3'"  C N S 87  
DC  "O3'"  O N N 88  
DC  "C2'"  C N N 89  
DC  "C1'"  C N R 90  
DC  N1     N N N 91  
DC  C2     C N N 92  
DC  O2     O N N 93  
DC  N3     N N N 94  
DC  C4     C N N 95  
DC  N4     N N N 96  
DC  C5     C N N 97  
DC  C6     C N N 98  
DC  HOP3   H N N 99  
DC  HOP2   H N N 100 
DC  "H5'"  H N N 101 
DC  "H5''" H N N 102 
DC  "H4'"  H N N 103 
DC  "H3'"  H N N 104 
DC  "HO3'" H N N 105 
DC  "H2'"  H N N 106 
DC  "H2''" H N N 107 
DC  "H1'"  H N N 108 
DC  H41    H N N 109 
DC  H42    H N N 110 
DC  H5     H N N 111 
DC  H6     H N N 112 
DG  OP3    O N N 113 
DG  P      P N N 114 
DG  OP1    O N N 115 
DG  OP2    O N N 116 
DG  "O5'"  O N N 117 
DG  "C5'"  C N N 118 
DG  "C4'"  C N R 119 
DG  "O4'"  O N N 120 
DG  "C3'"  C N S 121 
DG  "O3'"  O N N 122 
DG  "C2'"  C N N 123 
DG  "C1'"  C N R 124 
DG  N9     N Y N 125 
DG  C8     C Y N 126 
DG  N7     N Y N 127 
DG  C5     C Y N 128 
DG  C6     C N N 129 
DG  O6     O N N 130 
DG  N1     N N N 131 
DG  C2     C N N 132 
DG  N2     N N N 133 
DG  N3     N N N 134 
DG  C4     C Y N 135 
DG  HOP3   H N N 136 
DG  HOP2   H N N 137 
DG  "H5'"  H N N 138 
DG  "H5''" H N N 139 
DG  "H4'"  H N N 140 
DG  "H3'"  H N N 141 
DG  "HO3'" H N N 142 
DG  "H2'"  H N N 143 
DG  "H2''" H N N 144 
DG  "H1'"  H N N 145 
DG  H8     H N N 146 
DG  H1     H N N 147 
DG  H21    H N N 148 
DG  H22    H N N 149 
DT  OP3    O N N 150 
DT  P      P N N 151 
DT  OP1    O N N 152 
DT  OP2    O N N 153 
DT  "O5'"  O N N 154 
DT  "C5'"  C N N 155 
DT  "C4'"  C N R 156 
DT  "O4'"  O N N 157 
DT  "C3'"  C N S 158 
DT  "O3'"  O N N 159 
DT  "C2'"  C N N 160 
DT  "C1'"  C N R 161 
DT  N1     N N N 162 
DT  C2     C N N 163 
DT  O2     O N N 164 
DT  N3     N N N 165 
DT  C4     C N N 166 
DT  O4     O N N 167 
DT  C5     C N N 168 
DT  C7     C N N 169 
DT  C6     C N N 170 
DT  HOP3   H N N 171 
DT  HOP2   H N N 172 
DT  "H5'"  H N N 173 
DT  "H5''" H N N 174 
DT  "H4'"  H N N 175 
DT  "H3'"  H N N 176 
DT  "HO3'" H N N 177 
DT  "H2'"  H N N 178 
DT  "H2''" H N N 179 
DT  "H1'"  H N N 180 
DT  H3     H N N 181 
DT  H71    H N N 182 
DT  H72    H N N 183 
DT  H73    H N N 184 
DT  H6     H N N 185 
HOH O      O N N 186 
HOH H1     H N N 187 
HOH H2     H N N 188 
# 
loop_
_chem_comp_bond.comp_id 
_chem_comp_bond.atom_id_1 
_chem_comp_bond.atom_id_2 
_chem_comp_bond.value_order 
_chem_comp_bond.pdbx_aromatic_flag 
_chem_comp_bond.pdbx_stereo_config 
_chem_comp_bond.pdbx_ordinal 
2GT P     OP1    doub N N 1   
2GT P     OP2    sing N N 2   
2GT P     "O5'"  sing N N 3   
2GT P     OP3    sing N N 4   
2GT OP2   HOP2   sing N N 5   
2GT "O5'" "C5'"  sing N N 6   
2GT "C5'" "C4'"  sing N N 7   
2GT "C5'" "H5'"  sing N N 8   
2GT "C5'" "H5''" sing N N 9   
2GT "C4'" "O4'"  sing N N 10  
2GT "C4'" "C3'"  sing N N 11  
2GT "C4'" "H4'"  sing N N 12  
2GT "O4'" "C1'"  sing N N 13  
2GT "C1'" N1     sing N N 14  
2GT "C1'" "C2'"  sing N N 15  
2GT "C1'" "H1'"  sing N N 16  
2GT N1    C6     sing N N 17  
2GT N1    C2     sing N N 18  
2GT C6    C5     doub N N 19  
2GT C6    H6     sing N N 20  
2GT C2    O2     doub N N 21  
2GT C2    N3     sing N N 22  
2GT N3    C4     sing N N 23  
2GT N3    HN3    sing N N 24  
2GT C4    O4     doub N N 25  
2GT C4    C5     sing N N 26  
2GT C5    C5M    sing N N 27  
2GT C5M   H71    sing N N 28  
2GT C5M   H72    sing N N 29  
2GT C5M   H73    sing N N 30  
2GT "C2'" "O2'"  sing N N 31  
2GT "C2'" "C3'"  sing N N 32  
2GT "C2'" "H2'"  sing N N 33  
2GT "O2'" "CB'"  sing N N 34  
2GT "CB'" "CC'"  sing N N 35  
2GT "CB'" "HB'1" sing N N 36  
2GT "CB'" "HB'2" sing N N 37  
2GT "CC'" "CD'"  trip N N 38  
2GT "CD'" "HD'"  sing N N 39  
2GT "C3'" "O3'"  sing N N 40  
2GT "C3'" "H3'"  sing N N 41  
2GT "O3'" "HO3'" sing N N 42  
2GT OP3   HOP3   sing N N 43  
DA  OP3   P      sing N N 44  
DA  OP3   HOP3   sing N N 45  
DA  P     OP1    doub N N 46  
DA  P     OP2    sing N N 47  
DA  P     "O5'"  sing N N 48  
DA  OP2   HOP2   sing N N 49  
DA  "O5'" "C5'"  sing N N 50  
DA  "C5'" "C4'"  sing N N 51  
DA  "C5'" "H5'"  sing N N 52  
DA  "C5'" "H5''" sing N N 53  
DA  "C4'" "O4'"  sing N N 54  
DA  "C4'" "C3'"  sing N N 55  
DA  "C4'" "H4'"  sing N N 56  
DA  "O4'" "C1'"  sing N N 57  
DA  "C3'" "O3'"  sing N N 58  
DA  "C3'" "C2'"  sing N N 59  
DA  "C3'" "H3'"  sing N N 60  
DA  "O3'" "HO3'" sing N N 61  
DA  "C2'" "C1'"  sing N N 62  
DA  "C2'" "H2'"  sing N N 63  
DA  "C2'" "H2''" sing N N 64  
DA  "C1'" N9     sing N N 65  
DA  "C1'" "H1'"  sing N N 66  
DA  N9    C8     sing Y N 67  
DA  N9    C4     sing Y N 68  
DA  C8    N7     doub Y N 69  
DA  C8    H8     sing N N 70  
DA  N7    C5     sing Y N 71  
DA  C5    C6     sing Y N 72  
DA  C5    C4     doub Y N 73  
DA  C6    N6     sing N N 74  
DA  C6    N1     doub Y N 75  
DA  N6    H61    sing N N 76  
DA  N6    H62    sing N N 77  
DA  N1    C2     sing Y N 78  
DA  C2    N3     doub Y N 79  
DA  C2    H2     sing N N 80  
DA  N3    C4     sing Y N 81  
DC  OP3   P      sing N N 82  
DC  OP3   HOP3   sing N N 83  
DC  P     OP1    doub N N 84  
DC  P     OP2    sing N N 85  
DC  P     "O5'"  sing N N 86  
DC  OP2   HOP2   sing N N 87  
DC  "O5'" "C5'"  sing N N 88  
DC  "C5'" "C4'"  sing N N 89  
DC  "C5'" "H5'"  sing N N 90  
DC  "C5'" "H5''" sing N N 91  
DC  "C4'" "O4'"  sing N N 92  
DC  "C4'" "C3'"  sing N N 93  
DC  "C4'" "H4'"  sing N N 94  
DC  "O4'" "C1'"  sing N N 95  
DC  "C3'" "O3'"  sing N N 96  
DC  "C3'" "C2'"  sing N N 97  
DC  "C3'" "H3'"  sing N N 98  
DC  "O3'" "HO3'" sing N N 99  
DC  "C2'" "C1'"  sing N N 100 
DC  "C2'" "H2'"  sing N N 101 
DC  "C2'" "H2''" sing N N 102 
DC  "C1'" N1     sing N N 103 
DC  "C1'" "H1'"  sing N N 104 
DC  N1    C2     sing N N 105 
DC  N1    C6     sing N N 106 
DC  C2    O2     doub N N 107 
DC  C2    N3     sing N N 108 
DC  N3    C4     doub N N 109 
DC  C4    N4     sing N N 110 
DC  C4    C5     sing N N 111 
DC  N4    H41    sing N N 112 
DC  N4    H42    sing N N 113 
DC  C5    C6     doub N N 114 
DC  C5    H5     sing N N 115 
DC  C6    H6     sing N N 116 
DG  OP3   P      sing N N 117 
DG  OP3   HOP3   sing N N 118 
DG  P     OP1    doub N N 119 
DG  P     OP2    sing N N 120 
DG  P     "O5'"  sing N N 121 
DG  OP2   HOP2   sing N N 122 
DG  "O5'" "C5'"  sing N N 123 
DG  "C5'" "C4'"  sing N N 124 
DG  "C5'" "H5'"  sing N N 125 
DG  "C5'" "H5''" sing N N 126 
DG  "C4'" "O4'"  sing N N 127 
DG  "C4'" "C3'"  sing N N 128 
DG  "C4'" "H4'"  sing N N 129 
DG  "O4'" "C1'"  sing N N 130 
DG  "C3'" "O3'"  sing N N 131 
DG  "C3'" "C2'"  sing N N 132 
DG  "C3'" "H3'"  sing N N 133 
DG  "O3'" "HO3'" sing N N 134 
DG  "C2'" "C1'"  sing N N 135 
DG  "C2'" "H2'"  sing N N 136 
DG  "C2'" "H2''" sing N N 137 
DG  "C1'" N9     sing N N 138 
DG  "C1'" "H1'"  sing N N 139 
DG  N9    C8     sing Y N 140 
DG  N9    C4     sing Y N 141 
DG  C8    N7     doub Y N 142 
DG  C8    H8     sing N N 143 
DG  N7    C5     sing Y N 144 
DG  C5    C6     sing N N 145 
DG  C5    C4     doub Y N 146 
DG  C6    O6     doub N N 147 
DG  C6    N1     sing N N 148 
DG  N1    C2     sing N N 149 
DG  N1    H1     sing N N 150 
DG  C2    N2     sing N N 151 
DG  C2    N3     doub N N 152 
DG  N2    H21    sing N N 153 
DG  N2    H22    sing N N 154 
DG  N3    C4     sing N N 155 
DT  OP3   P      sing N N 156 
DT  OP3   HOP3   sing N N 157 
DT  P     OP1    doub N N 158 
DT  P     OP2    sing N N 159 
DT  P     "O5'"  sing N N 160 
DT  OP2   HOP2   sing N N 161 
DT  "O5'" "C5'"  sing N N 162 
DT  "C5'" "C4'"  sing N N 163 
DT  "C5'" "H5'"  sing N N 164 
DT  "C5'" "H5''" sing N N 165 
DT  "C4'" "O4'"  sing N N 166 
DT  "C4'" "C3'"  sing N N 167 
DT  "C4'" "H4'"  sing N N 168 
DT  "O4'" "C1'"  sing N N 169 
DT  "C3'" "O3'"  sing N N 170 
DT  "C3'" "C2'"  sing N N 171 
DT  "C3'" "H3'"  sing N N 172 
DT  "O3'" "HO3'" sing N N 173 
DT  "C2'" "C1'"  sing N N 174 
DT  "C2'" "H2'"  sing N N 175 
DT  "C2'" "H2''" sing N N 176 
DT  "C1'" N1     sing N N 177 
DT  "C1'" "H1'"  sing N N 178 
DT  N1    C2     sing N N 179 
DT  N1    C6     sing N N 180 
DT  C2    O2     doub N N 181 
DT  C2    N3     sing N N 182 
DT  N3    C4     sing N N 183 
DT  N3    H3     sing N N 184 
DT  C4    O4     doub N N 185 
DT  C4    C5     sing N N 186 
DT  C5    C7     sing N N 187 
DT  C5    C6     doub N N 188 
DT  C7    H71    sing N N 189 
DT  C7    H72    sing N N 190 
DT  C7    H73    sing N N 191 
DT  C6    H6     sing N N 192 
HOH O     H1     sing N N 193 
HOH O     H2     sing N N 194 
# 
_ndb_struct_conf_na.entry_id   1Y9S 
_ndb_struct_conf_na.feature    'a-form double helix' 
# 
loop_
_ndb_struct_na_base_pair.model_number 
_ndb_struct_na_base_pair.i_label_asym_id 
_ndb_struct_na_base_pair.i_label_comp_id 
_ndb_struct_na_base_pair.i_label_seq_id 
_ndb_struct_na_base_pair.i_symmetry 
_ndb_struct_na_base_pair.j_label_asym_id 
_ndb_struct_na_base_pair.j_label_comp_id 
_ndb_struct_na_base_pair.j_label_seq_id 
_ndb_struct_na_base_pair.j_symmetry 
_ndb_struct_na_base_pair.shear 
_ndb_struct_na_base_pair.stretch 
_ndb_struct_na_base_pair.stagger 
_ndb_struct_na_base_pair.buckle 
_ndb_struct_na_base_pair.propeller 
_ndb_struct_na_base_pair.opening 
_ndb_struct_na_base_pair.pair_number 
_ndb_struct_na_base_pair.pair_name 
_ndb_struct_na_base_pair.i_auth_asym_id 
_ndb_struct_na_base_pair.i_auth_seq_id 
_ndb_struct_na_base_pair.i_PDB_ins_code 
_ndb_struct_na_base_pair.j_auth_asym_id 
_ndb_struct_na_base_pair.j_auth_seq_id 
_ndb_struct_na_base_pair.j_PDB_ins_code 
_ndb_struct_na_base_pair.hbond_type_28 
_ndb_struct_na_base_pair.hbond_type_12 
1 A DG  1  1_555 B DC  10 1_555 -0.282 -0.120 0.136  3.166  -5.772  -0.176 1  A_DG1:DC20_B  A 1  ? B 20 ? 19 1 
1 A DC  2  1_555 B DG  9  1_555 0.116  -0.008 0.007  6.623  -15.124 0.711  2  A_DC2:DG19_B  A 2  ? B 19 ? 19 1 
1 A DG  3  1_555 B DC  8  1_555 -0.337 -0.140 -0.111 -9.527 -16.031 1.694  3  A_DG3:DC18_B  A 3  ? B 18 ? 19 1 
1 A DT  4  1_555 B DA  7  1_555 -0.177 -0.094 0.072  -4.355 -14.841 0.672  4  A_DT4:DA17_B  A 4  ? B 17 ? 20 1 
1 A DA  5  1_555 B 2GT 6  1_555 0.232  -0.065 0.119  -2.808 -14.842 -4.649 5  A_DA5:2GT16_B A 5  ? B 16 ? 20 1 
1 A 2GT 6  1_555 B DA  5  1_555 -0.143 -0.130 0.259  6.003  -12.455 4.204  6  A_2GT6:DA15_B A 6  ? B 15 ? 20 1 
1 A DA  7  1_555 B DT  4  1_555 0.039  -0.147 0.003  6.435  -10.541 2.380  7  A_DA7:DT14_B  A 7  ? B 14 ? 20 1 
1 A DC  8  1_555 B DG  3  1_555 0.223  -0.157 -0.181 10.292 -13.833 1.103  8  A_DC8:DG13_B  A 8  ? B 13 ? 19 1 
1 A DG  9  1_555 B DC  2  1_555 -0.210 -0.140 -0.102 -6.998 -11.297 1.121  9  A_DG9:DC12_B  A 9  ? B 12 ? 19 1 
1 A DC  10 1_555 B DG  1  1_555 0.161  -0.193 0.125  -2.478 5.582   -1.450 10 A_DC10:DG11_B A 10 ? B 11 ? 19 1 
# 
loop_
_ndb_struct_na_base_pair_step.model_number 
_ndb_struct_na_base_pair_step.i_label_asym_id_1 
_ndb_struct_na_base_pair_step.i_label_comp_id_1 
_ndb_struct_na_base_pair_step.i_label_seq_id_1 
_ndb_struct_na_base_pair_step.i_symmetry_1 
_ndb_struct_na_base_pair_step.j_label_asym_id_1 
_ndb_struct_na_base_pair_step.j_label_comp_id_1 
_ndb_struct_na_base_pair_step.j_label_seq_id_1 
_ndb_struct_na_base_pair_step.j_symmetry_1 
_ndb_struct_na_base_pair_step.i_label_asym_id_2 
_ndb_struct_na_base_pair_step.i_label_comp_id_2 
_ndb_struct_na_base_pair_step.i_label_seq_id_2 
_ndb_struct_na_base_pair_step.i_symmetry_2 
_ndb_struct_na_base_pair_step.j_label_asym_id_2 
_ndb_struct_na_base_pair_step.j_label_comp_id_2 
_ndb_struct_na_base_pair_step.j_label_seq_id_2 
_ndb_struct_na_base_pair_step.j_symmetry_2 
_ndb_struct_na_base_pair_step.shift 
_ndb_struct_na_base_pair_step.slide 
_ndb_struct_na_base_pair_step.rise 
_ndb_struct_na_base_pair_step.tilt 
_ndb_struct_na_base_pair_step.roll 
_ndb_struct_na_base_pair_step.twist 
_ndb_struct_na_base_pair_step.x_displacement 
_ndb_struct_na_base_pair_step.y_displacement 
_ndb_struct_na_base_pair_step.helical_rise 
_ndb_struct_na_base_pair_step.inclination 
_ndb_struct_na_base_pair_step.tip 
_ndb_struct_na_base_pair_step.helical_twist 
_ndb_struct_na_base_pair_step.step_number 
_ndb_struct_na_base_pair_step.step_name 
_ndb_struct_na_base_pair_step.i_auth_asym_id_1 
_ndb_struct_na_base_pair_step.i_auth_seq_id_1 
_ndb_struct_na_base_pair_step.i_PDB_ins_code_1 
_ndb_struct_na_base_pair_step.j_auth_asym_id_1 
_ndb_struct_na_base_pair_step.j_auth_seq_id_1 
_ndb_struct_na_base_pair_step.j_PDB_ins_code_1 
_ndb_struct_na_base_pair_step.i_auth_asym_id_2 
_ndb_struct_na_base_pair_step.i_auth_seq_id_2 
_ndb_struct_na_base_pair_step.i_PDB_ins_code_2 
_ndb_struct_na_base_pair_step.j_auth_asym_id_2 
_ndb_struct_na_base_pair_step.j_auth_seq_id_2 
_ndb_struct_na_base_pair_step.j_PDB_ins_code_2 
1 A DG  1 1_555 B DC  10 1_555 A DC  2  1_555 B DG  9 1_555 0.237  -1.415 3.206 2.205  -0.527 39.181 -2.045 -0.094 3.233 -0.785 
-3.285 39.244 1 AA_DG1DC2:DG19DC20_BB   A 1 ? B 20 ? A 2  ? B 19 ? 
1 A DC  2 1_555 B DG  9  1_555 A DG  3  1_555 B DC  8 1_555 0.304  -2.122 3.621 1.976  10.943 25.008 -7.155 -0.162 2.504 23.825 
-4.302 27.333 2 AA_DC2DG3:DC18DG19_BB   A 2 ? B 19 ? A 3  ? B 18 ? 
1 A DG  3 1_555 B DC  8  1_555 A DT  4  1_555 B DA  7 1_555 -1.101 -1.441 3.088 -4.183 4.847  35.722 -2.949 1.221  2.979 7.823  
6.753  36.273 3 AA_DG3DT4:DA17DC18_BB   A 3 ? B 18 ? A 4  ? B 17 ? 
1 A DT  4 1_555 B DA  7  1_555 A DA  5  1_555 B 2GT 6 1_555 0.587  -1.587 3.157 2.466  19.686 26.894 -5.472 -0.685 1.684 36.658 
-4.591 33.312 4 AA_DT4DA5:2GT16DA17_BB  A 4 ? B 17 ? A 5  ? B 16 ? 
1 A DA  5 1_555 B 2GT 6  1_555 A 2GT 6  1_555 B DA  5 1_555 0.772  -1.384 3.018 0.011  5.759  31.500 -3.430 -1.399 2.729 10.498 
-0.021 32.009 5 AA_DA52GT6:DA152GT16_BB A 5 ? B 16 ? A 6  ? B 15 ? 
1 A 2GT 6 1_555 B DA  5  1_555 A DA  7  1_555 B DT  4 1_555 -0.266 -1.395 3.082 1.259  13.036 31.361 -4.192 0.630  2.323 22.905 
-2.212 33.922 6 AA_2GT6DA7:DT14DA15_BB  A 6 ? B 15 ? A 7  ? B 14 ? 
1 A DA  7 1_555 B DT  4  1_555 A DC  8  1_555 B DG  3 1_555 0.217  -1.696 3.283 1.479  4.168  30.872 -3.926 -0.129 3.040 7.780  
-2.761 31.179 7 AA_DA7DC8:DG13DT14_BB   A 7 ? B 14 ? A 8  ? B 13 ? 
1 A DC  8 1_555 B DG  3  1_555 A DG  9  1_555 B DC  2 1_555 -0.364 -1.940 3.601 -0.239 13.360 28.936 -5.928 0.622  2.488 25.116 
0.449  31.812 8 AA_DC8DG9:DC12DG13_BB   A 8 ? B 13 ? A 9  ? B 12 ? 
1 A DG  9 1_555 B DC  2  1_555 A DC  10 1_555 B DG  1 1_555 0.149  -1.683 3.280 -0.480 1.564  34.958 -3.032 -0.320 3.201 2.602  
0.799  34.995 9 AA_DG9DC10:DG11DC12_BB  A 9 ? B 12 ? A 10 ? B 11 ? 
# 
_pdbx_entity_nonpoly.entity_id   2 
_pdbx_entity_nonpoly.name        water 
_pdbx_entity_nonpoly.comp_id     HOH 
# 
_pdbx_initial_refinement_model.id               1 
_pdbx_initial_refinement_model.entity_id_list   ? 
_pdbx_initial_refinement_model.type             'experimental model' 
_pdbx_initial_refinement_model.source_name      PDB 
_pdbx_initial_refinement_model.accession_code   410D 
_pdbx_initial_refinement_model.details          'pdb entry 410D' 
# 
